data_7VH0
#
_entry.id   7VH0
#
_cell.length_a   1.00
_cell.length_b   1.00
_cell.length_c   1.00
_cell.angle_alpha   90.00
_cell.angle_beta   90.00
_cell.angle_gamma   90.00
#
_symmetry.space_group_name_H-M   'P 1'
#
loop_
_entity.id
_entity.type
_entity.pdbx_description
1 polymer 'Melatonin receptor type 1B'
2 polymer 'Guanine nucleotide-binding protein G(i) subunit alpha-1'
3 polymer 'Guanine nucleotide-binding protein G(I)/G(S)/G(T) subunit beta-1'
4 polymer scFv16
5 non-polymer N-{2-[(8S)-1,6,7,8-tetrahydro-2H-indeno[5,4-b]furan-8-yl]ethyl}propanamide
#
loop_
_entity_poly.entity_id
_entity_poly.type
_entity_poly.pdbx_seq_one_letter_code
_entity_poly.pdbx_strand_id
1 'polypeptide(L)'
;MSENGSFANCCEAGGWAVRPGWSGAGSARPSRTPRPPWVAPALSAVLIVTTAVDVVGNLLVILSVLRNRKLRNAGNLFLV
SLALADLVVAFYPYPLILVAIFYDGWAFGEEHCKASAFVMGLSVIGSVWNITAIAINRYLYICHSMAYHRIYRRWHTPLH
ICLIWLLTVVALLPNFFVGSLEYDPRIYSCTFIQTASTQYTAAVVVIHFLLPIAVVSFCYLRIWVLVLQARRKAKPESRL
CLKPSDLRSFLTMFVVFVIFAICWAPLNCIGLAVAINPQEMAPQIPEGLFVTSYLLAYFNSCLNAIVYGLLNQNFRREYK
RILLALWNPRHCIQDASKGSHAEGLQSPAPPIIGVQHQADAL
;
A
2 'polypeptide(L)'
;GGCTLSAEDKAAVERSKMIDRNLREDGEKAAREVKLLLLGAGESGKSTIVKQMKIIHEAGYSEEECKQYKAVVYSNTIQS
IIAIIRAMGRLKIDFGDSARADDARQLFVLAGAAEEGFMTAELAGVIKRLWKDSGVQACFNRSREYQLNDSAAYYLNDLD
RIAQPNYIPTQQDVLRTRVKTTGIVETHFTFKDLHFKMFDVGGQRSERKKWIHCFEGVTAIIFCVALSDYDLVLAEDEEM
NRMHESMKLFDSICNNKWFTDTSIILFLNKKDLFEEKIKKSPLTICYPEYAGSNTYEEAAAYIQCQFEDLNKRKDTKEIY
THFTCATDTKNVQFVFDAVTDVIIKNNLKDCGLF
;
B
3 'polypeptide(L)'
;HHHHHHHHMGSLLQSELDELRQEAEQLKNQIRDARKACADATLSQITNNIDPVGRIQMRTRRTLRGHLAKIYAMHWGTDS
RLLVSASQDGKLIIWDSYTTNKVHAIPLRSSWVMTCAYAPSGNYVACGGLDNICSIYNLKTRQGNVRVSRELAGHTGYLS
CCRFLDDNQIVTSSGDTTCALWDIETGQQTTTFTGHTGDVMSLSLAPDTRLFVSGACDASAKLWDVREGMCRQTFTGHES
DINAICFFPDGNAFATGSDDATCRLFDLRADQELMTYSHDNIICGITSVSFSKSGRLLLAGYDDFNCNVWDALKADRAGV
LAGHDNRVSCLGVTDDGMAVATGSWDSFLKIWN
;
C
4 'polypeptide(L)'
;ASNNTASIAQARKLVQQLKMEANIDRIKVSKAAADLMAYCEAHAKEDPLLTPVPASQNPFREKKFFCDVQLVESGGGLVQ
PGGSRKLSCSASGFAFSSFGMHWVRQAPEKGLEWVAYISSGSGTIYYADTVKGRFTISRDDPKNTLFLQMTSLRSEDTAM
YYCVRSIYYYGSSPFDFWGQGTTLTVSSGGGGSGGGGSGGGGSDIVMTQATSSVPVTPGESVSISCRSSKSLLHSNGNTY
LYWFLQRPGQSPQLLIYRMSNLASGVPERFSGSGSGTAFTLTISRLEAEDVGVYYCMQHLEYPLTFGAGTKLELKGSLEV
LFQ
;
D,E
#
# COMPACT_ATOMS: atom_id res chain seq x y z
N TRP A 38 -40.81 33.99 -29.61
CA TRP A 38 -39.72 33.02 -29.73
C TRP A 38 -38.53 33.40 -28.87
N VAL A 39 -37.98 34.59 -29.07
CA VAL A 39 -36.77 35.01 -28.35
C VAL A 39 -36.72 34.59 -26.89
N ALA A 40 -37.47 35.31 -26.07
CA ALA A 40 -37.46 35.02 -24.65
C ALA A 40 -37.77 33.57 -24.30
N PRO A 41 -38.82 33.00 -24.92
CA PRO A 41 -39.03 31.58 -24.62
C PRO A 41 -37.76 30.80 -24.77
N ALA A 42 -37.25 30.75 -25.98
CA ALA A 42 -36.02 30.03 -26.24
C ALA A 42 -35.02 30.26 -25.14
N LEU A 43 -34.63 31.52 -24.98
CA LEU A 43 -33.63 31.83 -23.98
C LEU A 43 -33.91 31.15 -22.65
N SER A 44 -34.98 31.56 -21.99
CA SER A 44 -35.26 31.01 -20.65
C SER A 44 -35.22 29.51 -20.66
N ALA A 45 -35.97 28.91 -21.57
CA ALA A 45 -36.00 27.47 -21.66
C ALA A 45 -34.64 26.82 -21.64
N VAL A 46 -33.83 27.13 -22.65
CA VAL A 46 -32.57 26.41 -22.74
C VAL A 46 -31.67 26.63 -21.57
N LEU A 47 -31.70 27.78 -20.97
CA LEU A 47 -30.76 28.15 -19.92
C LEU A 47 -31.09 27.48 -18.59
N ILE A 48 -32.37 27.32 -18.29
CA ILE A 48 -32.78 26.71 -17.02
C ILE A 48 -32.29 25.26 -16.96
N VAL A 49 -32.58 24.49 -18.01
CA VAL A 49 -32.17 23.08 -18.04
C VAL A 49 -30.65 22.99 -18.15
N THR A 50 -30.02 23.95 -18.83
CA THR A 50 -28.57 23.99 -18.89
C THR A 50 -27.97 24.10 -17.51
N THR A 51 -28.47 25.06 -16.71
CA THR A 51 -27.97 25.23 -15.35
C THR A 51 -28.26 23.99 -14.51
N ALA A 52 -29.45 23.43 -14.66
CA ALA A 52 -29.85 22.27 -13.86
C ALA A 52 -28.92 21.08 -14.11
N VAL A 53 -28.64 20.79 -15.38
CA VAL A 53 -27.71 19.71 -15.70
C VAL A 53 -26.31 20.05 -15.22
N ASP A 54 -25.87 21.29 -15.47
CA ASP A 54 -24.50 21.71 -15.22
C ASP A 54 -24.11 21.62 -13.74
N VAL A 55 -24.92 22.21 -12.86
CA VAL A 55 -24.54 22.25 -11.45
C VAL A 55 -24.49 20.85 -10.87
N VAL A 56 -25.48 20.01 -11.21
CA VAL A 56 -25.53 18.66 -10.70
C VAL A 56 -24.34 17.85 -11.19
N GLY A 57 -24.05 17.93 -12.49
CA GLY A 57 -22.92 17.18 -13.03
C GLY A 57 -21.60 17.60 -12.43
N ASN A 58 -21.39 18.93 -12.30
CA ASN A 58 -20.13 19.40 -11.76
C ASN A 58 -19.96 19.04 -10.29
N LEU A 59 -21.02 19.18 -9.48
CA LEU A 59 -20.92 18.76 -8.09
C LEU A 59 -20.67 17.25 -7.99
N LEU A 60 -21.32 16.47 -8.85
CA LEU A 60 -21.14 15.03 -8.85
C LEU A 60 -19.68 14.67 -9.13
N VAL A 61 -19.09 15.33 -10.13
CA VAL A 61 -17.69 15.07 -10.47
C VAL A 61 -16.77 15.52 -9.34
N ILE A 62 -17.08 16.68 -8.73
CA ILE A 62 -16.24 17.21 -7.66
C ILE A 62 -16.18 16.22 -6.50
N LEU A 63 -17.35 15.69 -6.11
CA LEU A 63 -17.36 14.74 -5.00
C LEU A 63 -16.81 13.38 -5.44
N SER A 64 -16.93 13.05 -6.73
CA SER A 64 -16.41 11.79 -7.25
C SER A 64 -14.90 11.73 -7.12
N VAL A 65 -14.22 12.79 -7.58
CA VAL A 65 -12.75 12.79 -7.57
C VAL A 65 -12.23 12.77 -6.15
N LEU A 66 -12.83 13.58 -5.27
CA LEU A 66 -12.39 13.61 -3.88
C LEU A 66 -12.74 12.30 -3.16
N ARG A 67 -13.71 11.55 -3.68
CA ARG A 67 -14.13 10.31 -3.05
C ARG A 67 -13.03 9.26 -3.03
N ASN A 68 -12.25 9.13 -4.11
CA ASN A 68 -11.24 8.09 -4.24
C ASN A 68 -9.85 8.71 -4.25
N ARG A 69 -8.90 8.02 -3.61
CA ARG A 69 -7.51 8.48 -3.64
C ARG A 69 -6.84 8.12 -4.96
N LYS A 70 -7.25 7.01 -5.59
CA LYS A 70 -6.65 6.57 -6.84
C LYS A 70 -6.93 7.55 -7.97
N LEU A 71 -8.17 8.02 -8.04
CA LEU A 71 -8.57 8.97 -9.09
C LEU A 71 -7.82 10.29 -8.94
N ARG A 72 -7.67 10.75 -7.70
CA ARG A 72 -7.11 12.07 -7.39
C ARG A 72 -5.79 12.35 -8.10
N ASN A 73 -4.77 11.55 -7.81
CA ASN A 73 -3.41 11.82 -8.30
C ASN A 73 -3.11 11.01 -9.57
N ALA A 74 -3.93 11.25 -10.58
CA ALA A 74 -3.74 10.62 -11.90
C ALA A 74 -3.59 11.66 -13.00
N GLY A 75 -3.46 12.94 -12.63
CA GLY A 75 -3.38 14.00 -13.61
C GLY A 75 -4.71 14.45 -14.16
N ASN A 76 -5.82 13.83 -13.72
CA ASN A 76 -7.15 14.18 -14.20
C ASN A 76 -7.82 15.23 -13.33
N LEU A 77 -7.11 15.78 -12.35
CA LEU A 77 -7.63 16.85 -11.53
C LEU A 77 -7.63 18.19 -12.26
N PHE A 78 -7.18 18.22 -13.51
CA PHE A 78 -7.44 19.37 -14.36
C PHE A 78 -8.92 19.54 -14.66
N LEU A 79 -9.70 18.46 -14.51
CA LEU A 79 -11.11 18.49 -14.85
C LEU A 79 -11.99 18.95 -13.68
N VAL A 80 -11.54 18.79 -12.44
CA VAL A 80 -12.30 19.35 -11.33
C VAL A 80 -12.26 20.87 -11.39
N SER A 81 -11.14 21.44 -11.85
CA SER A 81 -11.09 22.88 -12.08
C SER A 81 -12.08 23.28 -13.18
N LEU A 82 -12.18 22.48 -14.23
CA LEU A 82 -13.20 22.70 -15.26
C LEU A 82 -14.60 22.67 -14.70
N ALA A 83 -14.93 21.70 -13.86
CA ALA A 83 -16.22 21.62 -13.20
C ALA A 83 -16.51 22.82 -12.30
N LEU A 84 -15.53 23.25 -11.50
CA LEU A 84 -15.71 24.39 -10.62
C LEU A 84 -15.91 25.68 -11.42
N ALA A 85 -15.06 25.92 -12.42
CA ALA A 85 -15.12 27.13 -13.22
C ALA A 85 -16.36 27.19 -14.11
N ASP A 86 -17.01 26.06 -14.36
CA ASP A 86 -18.25 26.05 -15.12
C ASP A 86 -19.48 25.94 -14.22
N LEU A 87 -19.31 25.62 -12.94
CA LEU A 87 -20.39 25.73 -11.98
C LEU A 87 -20.46 27.15 -11.38
N VAL A 88 -19.36 27.89 -11.45
CA VAL A 88 -19.38 29.28 -11.03
C VAL A 88 -20.40 30.06 -11.84
N VAL A 89 -20.48 29.82 -13.15
CA VAL A 89 -21.49 30.46 -13.96
C VAL A 89 -22.88 29.93 -13.61
N ALA A 90 -22.95 28.74 -13.01
CA ALA A 90 -24.22 28.18 -12.59
C ALA A 90 -24.74 28.81 -11.30
N PHE A 91 -23.86 29.30 -10.43
CA PHE A 91 -24.35 30.01 -9.24
C PHE A 91 -24.72 31.47 -9.51
N TYR A 92 -23.74 32.32 -9.85
CA TYR A 92 -24.04 33.75 -9.86
C TYR A 92 -24.76 34.23 -11.11
N PRO A 93 -24.20 34.04 -12.33
CA PRO A 93 -24.77 34.74 -13.50
C PRO A 93 -26.19 34.37 -13.86
N TYR A 94 -26.43 33.07 -14.08
CA TYR A 94 -27.69 32.61 -14.65
C TYR A 94 -28.92 32.94 -13.81
N PRO A 95 -28.93 32.75 -12.48
CA PRO A 95 -30.10 33.19 -11.70
C PRO A 95 -30.38 34.69 -11.81
N LEU A 96 -29.34 35.51 -11.83
CA LEU A 96 -29.55 36.95 -12.03
C LEU A 96 -30.10 37.24 -13.43
N ILE A 97 -29.66 36.48 -14.43
CA ILE A 97 -30.21 36.62 -15.77
C ILE A 97 -31.70 36.29 -15.77
N LEU A 98 -32.07 35.20 -15.08
CA LEU A 98 -33.47 34.83 -14.97
C LEU A 98 -34.29 35.92 -14.27
N VAL A 99 -33.72 36.51 -13.21
CA VAL A 99 -34.42 37.58 -12.48
C VAL A 99 -34.67 38.76 -13.42
N ALA A 100 -33.66 39.13 -14.21
CA ALA A 100 -33.83 40.21 -15.16
C ALA A 100 -34.87 39.86 -16.23
N ILE A 101 -34.93 38.59 -16.62
CA ILE A 101 -35.94 38.16 -17.60
C ILE A 101 -37.34 38.28 -17.00
N PHE A 102 -37.48 37.96 -15.72
CA PHE A 102 -38.79 38.05 -15.07
C PHE A 102 -39.34 39.47 -15.10
N TYR A 103 -38.48 40.46 -14.90
CA TYR A 103 -38.89 41.86 -14.89
C TYR A 103 -38.95 42.48 -16.28
N ASP A 104 -38.61 41.72 -17.32
CA ASP A 104 -38.64 42.19 -18.70
C ASP A 104 -37.80 43.46 -18.85
N GLY A 105 -36.61 43.43 -18.27
CA GLY A 105 -35.71 44.57 -18.27
C GLY A 105 -34.81 44.46 -17.06
N TRP A 106 -33.77 45.31 -17.03
CA TRP A 106 -32.81 45.28 -15.95
C TRP A 106 -33.48 45.71 -14.64
N ALA A 107 -33.49 44.82 -13.65
CA ALA A 107 -34.15 45.10 -12.37
C ALA A 107 -33.17 45.46 -11.26
N PHE A 108 -31.93 44.99 -11.33
CA PHE A 108 -30.94 45.28 -10.29
C PHE A 108 -30.28 46.63 -10.58
N GLY A 109 -29.23 46.94 -9.83
CA GLY A 109 -28.53 48.19 -10.00
C GLY A 109 -27.29 48.08 -10.88
N GLU A 110 -26.61 49.19 -11.10
CA GLU A 110 -25.38 49.18 -11.90
C GLU A 110 -24.30 48.35 -11.21
N GLU A 111 -24.36 48.26 -9.88
CA GLU A 111 -23.37 47.50 -9.13
C GLU A 111 -23.39 46.02 -9.50
N HIS A 112 -24.59 45.44 -9.64
CA HIS A 112 -24.70 44.05 -10.05
C HIS A 112 -24.32 43.87 -11.51
N CYS A 113 -24.69 44.83 -12.36
CA CYS A 113 -24.41 44.73 -13.78
C CYS A 113 -22.90 44.69 -14.05
N LYS A 114 -22.14 45.54 -13.35
CA LYS A 114 -20.69 45.51 -13.48
C LYS A 114 -20.07 44.24 -12.93
N ALA A 115 -20.82 43.45 -12.16
CA ALA A 115 -20.32 42.19 -11.61
C ALA A 115 -20.97 40.97 -12.21
N SER A 116 -22.15 41.10 -12.83
CA SER A 116 -22.81 39.97 -13.44
C SER A 116 -22.19 39.63 -14.79
N ALA A 117 -21.30 40.50 -15.27
CA ALA A 117 -20.58 40.22 -16.51
C ALA A 117 -19.08 40.02 -16.28
N PHE A 118 -18.62 40.07 -15.03
CA PHE A 118 -17.25 39.70 -14.69
C PHE A 118 -17.14 38.29 -14.13
N VAL A 119 -18.17 37.79 -13.45
CA VAL A 119 -18.23 36.38 -13.10
C VAL A 119 -18.42 35.52 -14.34
N MET A 120 -19.15 36.04 -15.33
CA MET A 120 -19.26 35.35 -16.61
C MET A 120 -17.91 35.22 -17.31
N GLY A 121 -17.10 36.27 -17.28
CA GLY A 121 -15.80 36.26 -17.90
C GLY A 121 -14.75 35.41 -17.21
N LEU A 122 -15.00 35.02 -15.97
CA LEU A 122 -14.13 34.08 -15.27
C LEU A 122 -14.52 32.63 -15.54
N SER A 123 -15.78 32.39 -15.90
CA SER A 123 -16.27 31.03 -16.14
C SER A 123 -16.01 30.59 -17.56
N VAL A 124 -16.52 31.36 -18.53
CA VAL A 124 -16.41 31.02 -19.95
C VAL A 124 -14.94 30.93 -20.35
N ILE A 125 -14.15 31.94 -19.99
CA ILE A 125 -12.74 31.99 -20.34
C ILE A 125 -12.00 30.92 -19.55
N GLY A 126 -12.55 30.54 -18.40
CA GLY A 126 -11.92 29.53 -17.57
C GLY A 126 -12.36 28.13 -17.93
N SER A 127 -13.34 28.02 -18.83
CA SER A 127 -13.83 26.73 -19.29
C SER A 127 -13.22 26.33 -20.63
N VAL A 128 -12.91 27.31 -21.47
CA VAL A 128 -12.33 27.03 -22.79
C VAL A 128 -10.81 27.06 -22.66
N TRP A 129 -10.31 27.31 -21.46
CA TRP A 129 -8.89 27.17 -21.17
C TRP A 129 -8.54 25.92 -20.38
N ASN A 130 -9.51 25.25 -19.76
CA ASN A 130 -9.27 23.96 -19.15
C ASN A 130 -9.48 22.79 -20.10
N ILE A 131 -10.21 23.01 -21.21
CA ILE A 131 -10.43 21.97 -22.21
C ILE A 131 -9.26 21.93 -23.17
N THR A 132 -8.37 22.93 -23.08
CA THR A 132 -7.11 22.89 -23.79
C THR A 132 -5.94 22.55 -22.88
N ALA A 133 -6.15 22.56 -21.57
CA ALA A 133 -5.19 22.05 -20.60
C ALA A 133 -5.34 20.55 -20.39
N ILE A 134 -6.58 20.06 -20.38
CA ILE A 134 -6.83 18.62 -20.40
C ILE A 134 -6.29 18.03 -21.70
N ALA A 135 -6.46 18.76 -22.81
CA ALA A 135 -5.95 18.37 -24.11
C ALA A 135 -4.44 18.31 -24.16
N ILE A 136 -3.77 18.90 -23.18
CA ILE A 136 -2.33 18.78 -23.04
C ILE A 136 -1.95 17.63 -22.11
N ASN A 137 -2.75 17.43 -21.05
CA ASN A 137 -2.50 16.33 -20.13
C ASN A 137 -2.61 14.98 -20.83
N ARG A 138 -3.62 14.82 -21.68
CA ARG A 138 -3.82 13.57 -22.39
C ARG A 138 -2.96 13.48 -23.64
N TYR A 139 -1.94 14.34 -23.73
CA TYR A 139 -0.93 14.24 -24.77
C TYR A 139 0.46 13.94 -24.26
N LEU A 140 0.68 14.19 -23.00
CA LEU A 140 1.93 13.79 -22.42
C LEU A 140 1.77 12.40 -21.77
N TYR A 141 0.62 12.05 -21.18
CA TYR A 141 0.41 10.70 -20.67
C TYR A 141 0.30 9.67 -21.74
N ILE A 142 -0.45 9.88 -22.81
CA ILE A 142 -0.68 8.83 -23.80
C ILE A 142 0.47 8.79 -24.69
N CYS A 143 0.63 9.78 -25.50
CA CYS A 143 1.82 9.83 -26.30
C CYS A 143 2.93 10.24 -25.37
N HIS A 144 4.19 10.12 -25.76
CA HIS A 144 5.32 10.39 -24.84
C HIS A 144 5.32 9.42 -23.67
N SER A 145 5.24 9.90 -22.43
CA SER A 145 5.09 9.04 -21.21
C SER A 145 6.31 8.62 -20.46
N MET A 146 7.47 8.78 -21.07
CA MET A 146 8.67 8.49 -20.33
C MET A 146 8.91 9.80 -19.62
N ALA A 147 9.13 10.87 -20.38
CA ALA A 147 9.43 12.13 -19.72
C ALA A 147 8.40 12.44 -18.64
N TYR A 148 7.15 12.02 -18.86
CA TYR A 148 6.10 12.24 -17.88
C TYR A 148 6.37 11.49 -16.59
N HIS A 149 6.89 10.27 -16.67
CA HIS A 149 7.25 9.53 -15.46
C HIS A 149 8.70 9.77 -15.02
N ARG A 150 9.51 10.42 -15.85
CA ARG A 150 10.84 10.86 -15.42
C ARG A 150 10.72 12.22 -14.74
N ILE A 151 10.14 13.19 -15.44
CA ILE A 151 9.78 14.46 -14.82
C ILE A 151 8.42 14.27 -14.17
N TYR A 152 8.42 13.73 -12.98
CA TYR A 152 7.18 13.38 -12.32
C TYR A 152 6.16 14.44 -12.14
N ARG A 153 4.92 14.02 -12.06
CA ARG A 153 3.90 14.95 -11.72
C ARG A 153 4.06 15.19 -10.22
N ARG A 154 3.54 14.29 -9.38
CA ARG A 154 3.57 14.47 -7.95
C ARG A 154 2.82 15.72 -7.63
N TRP A 155 3.49 16.70 -7.03
CA TRP A 155 2.84 17.96 -6.64
C TRP A 155 2.74 19.08 -7.70
N HIS A 156 3.29 18.92 -8.90
CA HIS A 156 3.26 20.04 -9.84
C HIS A 156 1.86 20.25 -10.29
N THR A 157 1.16 19.17 -10.52
CA THR A 157 -0.21 19.24 -11.03
C THR A 157 -1.16 19.99 -10.10
N PRO A 158 -1.15 19.73 -8.76
CA PRO A 158 -2.08 20.45 -7.89
C PRO A 158 -1.93 21.97 -7.95
N LEU A 159 -0.71 22.45 -8.12
CA LEU A 159 -0.46 23.88 -8.29
C LEU A 159 -0.50 24.35 -9.73
N HIS A 160 -0.60 23.43 -10.69
CA HIS A 160 -0.69 23.81 -12.09
C HIS A 160 -2.11 24.21 -12.51
N ILE A 161 -3.10 23.99 -11.66
CA ILE A 161 -4.47 24.38 -11.94
C ILE A 161 -4.72 25.79 -11.42
N CYS A 162 -3.64 26.47 -11.04
CA CYS A 162 -3.73 27.84 -10.56
C CYS A 162 -3.08 28.87 -11.46
N LEU A 163 -1.99 28.55 -12.17
CA LEU A 163 -1.37 29.52 -13.06
C LEU A 163 -2.32 29.93 -14.19
N ILE A 164 -2.87 28.96 -14.90
CA ILE A 164 -3.76 29.24 -16.02
C ILE A 164 -5.19 29.51 -15.54
N TRP A 165 -5.42 29.49 -14.23
CA TRP A 165 -6.69 29.90 -13.65
C TRP A 165 -6.63 31.32 -13.11
N LEU A 166 -5.45 31.82 -12.78
CA LEU A 166 -5.22 33.23 -12.50
C LEU A 166 -4.92 34.04 -13.74
N LEU A 167 -4.32 33.43 -14.77
CA LEU A 167 -4.18 34.11 -16.04
C LEU A 167 -5.52 34.51 -16.64
N THR A 168 -6.61 33.85 -16.22
CA THR A 168 -7.94 34.26 -16.67
C THR A 168 -8.24 35.69 -16.23
N VAL A 169 -8.06 36.00 -14.94
CA VAL A 169 -8.32 37.36 -14.47
C VAL A 169 -7.20 38.30 -14.91
N VAL A 170 -5.98 37.78 -15.09
CA VAL A 170 -4.89 38.61 -15.57
C VAL A 170 -5.22 39.13 -16.97
N ALA A 171 -5.74 38.26 -17.83
CA ALA A 171 -6.18 38.67 -19.16
C ALA A 171 -7.56 39.31 -19.15
N LEU A 172 -8.25 39.30 -18.01
CA LEU A 172 -9.55 39.95 -17.87
C LEU A 172 -9.48 41.25 -17.08
N LEU A 173 -8.35 41.52 -16.42
CA LEU A 173 -8.21 42.78 -15.68
C LEU A 173 -8.40 44.02 -16.56
N PRO A 174 -7.84 44.10 -17.79
CA PRO A 174 -8.09 45.29 -18.62
C PRO A 174 -9.56 45.52 -18.98
N ASN A 175 -10.42 44.56 -18.67
CA ASN A 175 -11.84 44.70 -18.99
C ASN A 175 -12.46 45.87 -18.23
N PHE A 176 -12.05 46.09 -16.98
CA PHE A 176 -12.51 47.26 -16.25
C PHE A 176 -11.82 48.52 -16.73
N PHE A 177 -10.56 48.40 -17.15
CA PHE A 177 -9.79 49.56 -17.58
C PHE A 177 -10.38 50.17 -18.86
N VAL A 178 -10.82 49.32 -19.80
CA VAL A 178 -11.29 49.81 -21.08
C VAL A 178 -12.60 50.59 -20.91
N GLY A 179 -13.36 50.27 -19.87
CA GLY A 179 -14.63 50.93 -19.65
C GLY A 179 -15.77 50.36 -20.46
N SER A 180 -15.67 49.10 -20.88
CA SER A 180 -16.71 48.43 -21.62
C SER A 180 -17.80 47.90 -20.69
N LEU A 181 -18.64 47.00 -21.20
CA LEU A 181 -19.76 46.38 -20.49
C LEU A 181 -20.95 47.31 -20.34
N GLU A 182 -22.14 46.73 -20.37
CA GLU A 182 -23.40 47.44 -20.25
C GLU A 182 -24.54 46.44 -20.20
N TYR A 183 -25.77 46.90 -19.98
CA TYR A 183 -26.90 45.98 -20.01
C TYR A 183 -27.09 45.36 -21.40
N ASP A 184 -26.90 46.16 -22.45
CA ASP A 184 -27.06 45.72 -23.83
C ASP A 184 -28.42 45.07 -24.03
N PRO A 185 -29.51 45.86 -24.05
CA PRO A 185 -30.86 45.27 -24.11
C PRO A 185 -31.14 44.50 -25.37
N ARG A 186 -30.19 44.46 -26.31
CA ARG A 186 -30.37 43.64 -27.50
C ARG A 186 -30.39 42.15 -27.16
N ILE A 187 -29.80 41.78 -26.01
CA ILE A 187 -29.73 40.38 -25.60
C ILE A 187 -30.42 40.11 -24.27
N TYR A 188 -30.67 41.15 -23.45
CA TYR A 188 -31.27 40.99 -22.13
C TYR A 188 -30.44 40.09 -21.22
N SER A 189 -29.13 40.20 -21.36
CA SER A 189 -28.20 39.46 -20.50
C SER A 189 -26.85 40.17 -20.61
N CYS A 190 -26.50 41.03 -19.67
CA CYS A 190 -25.26 41.81 -19.76
C CYS A 190 -23.98 41.04 -20.15
N THR A 191 -23.27 41.46 -21.21
CA THR A 191 -22.08 40.73 -21.64
C THR A 191 -21.02 41.57 -22.32
N PHE A 192 -19.92 41.00 -22.77
CA PHE A 192 -18.78 41.74 -23.31
C PHE A 192 -19.18 42.34 -24.64
N ILE A 193 -19.54 43.62 -24.64
CA ILE A 193 -19.88 44.32 -25.87
C ILE A 193 -18.63 44.46 -26.72
N GLN A 194 -18.73 44.10 -28.00
CA GLN A 194 -17.59 44.16 -28.90
C GLN A 194 -17.30 45.58 -29.34
N THR A 195 -18.33 46.37 -29.63
CA THR A 195 -18.08 47.71 -30.19
C THR A 195 -17.20 48.61 -29.34
N ALA A 196 -16.86 48.17 -28.14
CA ALA A 196 -16.08 49.00 -27.23
C ALA A 196 -14.68 49.36 -27.64
N SER A 197 -13.93 48.39 -28.13
CA SER A 197 -12.55 48.65 -28.46
C SER A 197 -12.25 47.71 -29.57
N THR A 198 -11.19 48.00 -30.31
CA THR A 198 -10.78 47.12 -31.37
C THR A 198 -9.76 46.27 -30.69
N GLN A 199 -9.09 46.86 -29.71
CA GLN A 199 -8.05 46.11 -29.06
C GLN A 199 -8.57 44.88 -28.35
N TYR A 200 -9.63 45.02 -27.58
CA TYR A 200 -10.08 43.89 -26.83
C TYR A 200 -11.12 43.12 -27.51
N THR A 201 -11.64 43.61 -28.61
CA THR A 201 -12.53 42.73 -29.31
C THR A 201 -11.59 41.69 -29.83
N ALA A 202 -10.44 42.12 -30.31
CA ALA A 202 -9.51 41.20 -30.92
C ALA A 202 -8.86 40.25 -29.97
N ALA A 203 -7.97 40.74 -29.16
CA ALA A 203 -7.25 39.96 -28.17
C ALA A 203 -8.13 38.85 -27.59
N VAL A 204 -9.39 39.17 -27.30
CA VAL A 204 -10.32 38.17 -26.80
C VAL A 204 -10.56 37.10 -27.85
N VAL A 205 -10.74 37.51 -29.11
CA VAL A 205 -10.96 36.53 -30.17
C VAL A 205 -9.76 35.59 -30.33
N VAL A 206 -8.55 36.12 -30.22
CA VAL A 206 -7.34 35.34 -30.46
C VAL A 206 -6.99 34.43 -29.27
N ILE A 207 -6.97 34.99 -28.06
CA ILE A 207 -6.53 34.22 -26.90
C ILE A 207 -7.57 33.21 -26.44
N HIS A 208 -8.83 33.36 -26.87
CA HIS A 208 -9.91 32.52 -26.39
C HIS A 208 -10.47 31.57 -27.46
N PHE A 209 -10.25 31.86 -28.74
CA PHE A 209 -10.83 31.00 -29.77
C PHE A 209 -9.75 30.26 -30.55
N LEU A 210 -8.80 30.98 -31.17
CA LEU A 210 -7.87 30.37 -32.12
C LEU A 210 -6.97 29.33 -31.46
N LEU A 211 -6.29 29.69 -30.37
CA LEU A 211 -5.42 28.75 -29.68
C LEU A 211 -6.19 27.58 -29.07
N PRO A 212 -7.32 27.78 -28.36
CA PRO A 212 -8.03 26.62 -27.79
C PRO A 212 -8.70 25.75 -28.83
N ILE A 213 -8.54 26.09 -30.12
CA ILE A 213 -8.91 25.21 -31.21
C ILE A 213 -7.69 24.53 -31.82
N ALA A 214 -6.63 25.30 -32.08
CA ALA A 214 -5.42 24.73 -32.67
C ALA A 214 -4.83 23.65 -31.77
N VAL A 215 -4.71 23.95 -30.48
CA VAL A 215 -4.09 22.99 -29.56
C VAL A 215 -4.93 21.72 -29.46
N VAL A 216 -6.25 21.87 -29.35
CA VAL A 216 -7.13 20.74 -29.09
C VAL A 216 -7.39 19.96 -30.38
N SER A 217 -7.07 20.56 -31.53
CA SER A 217 -7.25 19.84 -32.79
C SER A 217 -5.93 19.27 -33.27
N PHE A 218 -4.83 19.68 -32.62
CA PHE A 218 -3.52 19.09 -32.87
C PHE A 218 -3.23 17.92 -31.94
N CYS A 219 -3.44 18.09 -30.63
CA CYS A 219 -3.20 17.03 -29.67
C CYS A 219 -4.11 15.84 -29.89
N TYR A 220 -5.40 16.10 -30.10
CA TYR A 220 -6.38 15.03 -30.21
C TYR A 220 -6.35 14.40 -31.60
N LEU A 221 -5.53 14.96 -32.48
CA LEU A 221 -5.23 14.33 -33.75
C LEU A 221 -3.97 13.48 -33.68
N ARG A 222 -2.91 13.97 -33.01
CA ARG A 222 -1.73 13.14 -32.81
C ARG A 222 -2.02 11.92 -31.94
N ILE A 223 -2.84 12.06 -30.88
CA ILE A 223 -3.20 10.90 -30.08
C ILE A 223 -3.92 9.83 -30.89
N TRP A 224 -4.84 10.23 -31.77
CA TRP A 224 -5.54 9.29 -32.62
C TRP A 224 -4.64 8.66 -33.67
N VAL A 225 -3.74 9.46 -34.27
CA VAL A 225 -2.80 8.95 -35.26
C VAL A 225 -1.89 7.90 -34.61
N LEU A 226 -1.39 8.20 -33.42
CA LEU A 226 -0.52 7.26 -32.71
C LEU A 226 -1.26 5.97 -32.39
N VAL A 227 -2.51 6.08 -31.95
CA VAL A 227 -3.31 4.90 -31.62
C VAL A 227 -3.56 4.03 -32.84
N LEU A 228 -3.91 4.64 -33.98
CA LEU A 228 -4.19 3.88 -35.19
C LEU A 228 -2.93 3.36 -35.87
N GLN A 229 -1.76 3.94 -35.60
CA GLN A 229 -0.52 3.54 -36.23
C GLN A 229 0.14 2.36 -35.53
N ALA A 230 -0.32 2.01 -34.33
CA ALA A 230 0.29 0.91 -33.59
C ALA A 230 -0.65 -0.28 -33.49
N ARG A 231 -1.91 -0.08 -33.86
CA ARG A 231 -2.87 -1.18 -33.87
C ARG A 231 -2.68 -2.12 -35.05
N ARG A 232 -2.20 -1.61 -36.19
CA ARG A 232 -2.03 -2.43 -37.38
C ARG A 232 -0.70 -3.18 -37.38
N LYS A 233 0.34 -2.62 -36.76
CA LYS A 233 1.63 -3.29 -36.70
C LYS A 233 1.57 -4.58 -35.89
N ALA A 234 0.81 -4.60 -34.79
CA ALA A 234 0.67 -5.80 -33.99
C ALA A 234 -0.15 -6.85 -34.74
N LYS A 235 -1.28 -6.43 -35.31
CA LYS A 235 -2.12 -7.33 -36.09
C LYS A 235 -1.87 -7.15 -37.58
N SER A 249 -12.18 6.73 -34.27
CA SER A 249 -12.20 6.90 -35.71
C SER A 249 -12.91 8.19 -36.11
N PHE A 250 -12.38 9.28 -35.55
CA PHE A 250 -12.93 10.60 -35.79
C PHE A 250 -14.32 10.65 -35.32
N LEU A 251 -14.73 9.69 -34.54
CA LEU A 251 -16.08 9.80 -33.98
C LEU A 251 -16.20 9.65 -32.48
N THR A 252 -15.11 9.43 -31.78
CA THR A 252 -15.23 9.21 -30.37
C THR A 252 -14.03 9.77 -29.76
N MET A 253 -13.15 10.27 -30.58
CA MET A 253 -11.89 10.76 -30.03
C MET A 253 -11.48 12.13 -30.57
N PHE A 254 -12.19 12.67 -31.56
CA PHE A 254 -11.71 13.91 -32.17
C PHE A 254 -12.81 14.94 -32.38
N VAL A 255 -14.07 14.53 -32.32
CA VAL A 255 -15.19 15.43 -32.60
C VAL A 255 -16.03 15.71 -31.35
N VAL A 256 -16.13 14.70 -30.51
CA VAL A 256 -16.84 14.88 -29.28
C VAL A 256 -16.04 15.89 -28.52
N PHE A 257 -14.75 16.02 -28.80
CA PHE A 257 -13.88 16.90 -28.05
C PHE A 257 -13.62 18.22 -28.70
N VAL A 258 -14.34 18.52 -29.76
CA VAL A 258 -14.21 19.82 -30.40
C VAL A 258 -15.59 20.29 -30.79
N ILE A 259 -16.62 19.61 -30.29
CA ILE A 259 -17.99 19.96 -30.63
C ILE A 259 -18.36 21.29 -29.99
N PHE A 260 -17.42 21.90 -29.27
CA PHE A 260 -17.56 23.27 -28.81
C PHE A 260 -17.12 24.29 -29.84
N ALA A 261 -16.23 23.91 -30.77
CA ALA A 261 -15.81 24.83 -31.82
C ALA A 261 -16.97 25.20 -32.73
N ILE A 262 -17.75 24.21 -33.14
CA ILE A 262 -18.80 24.38 -34.14
C ILE A 262 -19.92 25.23 -33.53
N CYS A 263 -19.91 25.35 -32.20
CA CYS A 263 -20.98 26.03 -31.49
C CYS A 263 -20.50 27.33 -30.86
N TRP A 264 -19.20 27.60 -30.86
CA TRP A 264 -18.69 28.89 -30.44
C TRP A 264 -18.26 29.74 -31.63
N ALA A 265 -18.12 29.12 -32.80
CA ALA A 265 -17.65 29.81 -34.00
C ALA A 265 -18.50 31.01 -34.41
N PRO A 266 -19.86 30.92 -34.43
CA PRO A 266 -20.66 32.07 -34.90
C PRO A 266 -20.42 33.35 -34.11
N LEU A 267 -20.29 33.25 -32.79
CA LEU A 267 -20.08 34.44 -31.97
C LEU A 267 -18.75 35.10 -32.29
N ASN A 268 -17.70 34.29 -32.44
CA ASN A 268 -16.40 34.84 -32.80
C ASN A 268 -16.40 35.44 -34.20
N CYS A 269 -17.17 34.84 -35.12
CA CYS A 269 -17.30 35.40 -36.46
C CYS A 269 -17.98 36.76 -36.42
N ILE A 270 -19.05 36.89 -35.63
CA ILE A 270 -19.74 38.16 -35.47
C ILE A 270 -18.79 39.18 -34.84
N GLY A 271 -17.98 38.72 -33.95
CA GLY A 271 -17.05 39.61 -33.30
C GLY A 271 -16.04 40.18 -34.25
N LEU A 272 -15.40 39.34 -35.03
CA LEU A 272 -14.37 39.83 -35.91
C LEU A 272 -15.01 40.79 -36.85
N ALA A 273 -16.20 40.45 -37.30
CA ALA A 273 -16.90 41.29 -38.26
C ALA A 273 -17.08 42.68 -37.69
N VAL A 274 -17.67 42.73 -36.52
CA VAL A 274 -17.96 44.02 -35.91
C VAL A 274 -16.68 44.69 -35.43
N ALA A 275 -15.58 43.94 -35.43
CA ALA A 275 -14.28 44.48 -35.06
C ALA A 275 -13.50 45.05 -36.24
N ILE A 276 -13.63 44.44 -37.42
CA ILE A 276 -12.92 44.97 -38.59
C ILE A 276 -13.52 46.31 -39.01
N ASN A 277 -14.84 46.44 -38.95
CA ASN A 277 -15.54 47.68 -39.30
C ASN A 277 -16.53 48.02 -38.20
N PRO A 278 -16.05 48.60 -37.10
CA PRO A 278 -16.94 48.93 -35.98
C PRO A 278 -17.80 50.16 -36.20
N GLN A 279 -17.83 50.72 -37.41
CA GLN A 279 -18.61 51.93 -37.68
C GLN A 279 -19.80 51.69 -38.58
N GLU A 280 -19.74 50.71 -39.48
CA GLU A 280 -20.84 50.45 -40.39
C GLU A 280 -21.28 48.99 -40.33
N MET A 281 -20.33 48.07 -40.11
CA MET A 281 -20.66 46.65 -40.07
C MET A 281 -21.36 46.28 -38.77
N ALA A 282 -20.94 46.85 -37.65
CA ALA A 282 -21.50 46.53 -36.33
C ALA A 282 -22.99 46.82 -36.22
N PRO A 283 -23.48 48.00 -36.64
CA PRO A 283 -24.94 48.23 -36.54
C PRO A 283 -25.76 47.31 -37.41
N GLN A 284 -25.34 47.09 -38.66
CA GLN A 284 -26.07 46.22 -39.56
C GLN A 284 -25.81 44.75 -39.22
N ILE A 285 -26.73 44.14 -38.48
CA ILE A 285 -26.63 42.73 -38.11
C ILE A 285 -28.00 42.24 -37.68
N PRO A 286 -28.50 41.14 -38.24
CA PRO A 286 -29.76 40.58 -37.77
C PRO A 286 -29.73 40.30 -36.27
N GLU A 287 -30.81 40.69 -35.60
CA GLU A 287 -30.92 40.44 -34.16
C GLU A 287 -31.03 38.94 -33.87
N GLY A 288 -31.80 38.22 -34.69
CA GLY A 288 -32.00 36.79 -34.47
C GLY A 288 -30.69 36.01 -34.53
N LEU A 289 -29.80 36.41 -35.42
CA LEU A 289 -28.50 35.75 -35.52
C LEU A 289 -27.71 35.87 -34.21
N PHE A 290 -27.69 37.08 -33.65
CA PHE A 290 -26.99 37.31 -32.39
C PHE A 290 -27.65 36.54 -31.25
N VAL A 291 -28.99 36.53 -31.23
CA VAL A 291 -29.71 35.79 -30.20
C VAL A 291 -29.38 34.31 -30.27
N THR A 292 -29.38 33.74 -31.48
CA THR A 292 -29.05 32.32 -31.64
C THR A 292 -27.60 32.04 -31.26
N SER A 293 -26.70 32.96 -31.61
CA SER A 293 -25.30 32.78 -31.24
C SER A 293 -25.14 32.71 -29.73
N TYR A 294 -25.80 33.61 -29.00
CA TYR A 294 -25.68 33.59 -27.54
C TYR A 294 -26.42 32.41 -26.92
N LEU A 295 -27.52 31.98 -27.53
CA LEU A 295 -28.18 30.75 -27.11
C LEU A 295 -27.21 29.58 -27.19
N LEU A 296 -26.50 29.48 -28.31
CA LEU A 296 -25.52 28.42 -28.49
C LEU A 296 -24.39 28.53 -27.47
N ALA A 297 -23.92 29.76 -27.22
CA ALA A 297 -22.84 29.97 -26.27
C ALA A 297 -23.23 29.53 -24.87
N TYR A 298 -24.45 29.86 -24.44
CA TYR A 298 -24.91 29.37 -23.13
C TYR A 298 -25.20 27.88 -23.17
N PHE A 299 -25.34 27.32 -24.36
CA PHE A 299 -25.59 25.89 -24.44
C PHE A 299 -24.35 25.09 -24.14
N ASN A 300 -23.22 25.56 -24.62
CA ASN A 300 -21.98 24.81 -24.44
C ASN A 300 -21.67 24.66 -22.96
N SER A 301 -22.07 25.64 -22.17
CA SER A 301 -21.75 25.54 -20.78
C SER A 301 -22.14 24.21 -20.17
N CYS A 302 -23.33 23.67 -20.43
CA CYS A 302 -23.57 22.33 -19.91
C CYS A 302 -22.91 21.26 -20.78
N LEU A 303 -22.47 21.63 -21.98
CA LEU A 303 -21.85 20.66 -22.88
C LEU A 303 -20.54 20.13 -22.30
N ASN A 304 -19.85 20.95 -21.50
CA ASN A 304 -18.55 20.57 -20.97
C ASN A 304 -18.68 19.67 -19.75
N ALA A 305 -19.85 19.09 -19.55
CA ALA A 305 -20.07 18.16 -18.45
C ALA A 305 -20.69 16.87 -18.97
N ILE A 306 -21.06 16.86 -20.25
CA ILE A 306 -21.63 15.68 -20.89
C ILE A 306 -20.75 15.18 -22.03
N VAL A 307 -19.55 15.73 -22.19
CA VAL A 307 -18.56 15.19 -23.11
C VAL A 307 -17.25 14.84 -22.41
N TYR A 308 -17.03 15.33 -21.18
CA TYR A 308 -15.98 14.85 -20.30
C TYR A 308 -16.55 14.11 -19.10
N GLY A 309 -17.88 13.98 -19.04
CA GLY A 309 -18.56 13.48 -17.86
C GLY A 309 -19.20 12.11 -18.02
N LEU A 310 -20.52 12.08 -18.24
CA LEU A 310 -21.29 10.86 -18.18
C LEU A 310 -21.10 9.98 -19.42
N LEU A 311 -20.13 10.32 -20.26
CA LEU A 311 -19.80 9.52 -21.43
C LEU A 311 -18.34 9.09 -21.36
N ASN A 312 -17.89 8.71 -20.16
CA ASN A 312 -16.57 8.12 -19.99
C ASN A 312 -16.73 6.69 -19.48
N GLN A 313 -15.62 6.02 -19.16
CA GLN A 313 -15.69 4.67 -18.64
C GLN A 313 -15.07 4.60 -17.26
N ASN A 314 -14.02 5.40 -17.03
CA ASN A 314 -13.39 5.43 -15.72
C ASN A 314 -14.27 6.15 -14.70
N PHE A 315 -14.85 7.28 -15.09
CA PHE A 315 -15.67 8.06 -14.17
C PHE A 315 -17.09 7.51 -14.04
N ARG A 316 -17.58 6.81 -15.07
CA ARG A 316 -18.95 6.30 -15.03
C ARG A 316 -19.11 5.23 -13.97
N ARG A 317 -18.06 4.44 -13.73
CA ARG A 317 -18.15 3.34 -12.76
C ARG A 317 -18.38 3.87 -11.35
N GLU A 318 -17.64 4.89 -10.95
CA GLU A 318 -17.73 5.38 -9.58
C GLU A 318 -19.05 6.10 -9.33
N TYR A 319 -19.69 6.59 -10.38
CA TYR A 319 -20.94 7.34 -10.24
C TYR A 319 -22.03 6.52 -9.56
N LYS A 320 -22.02 5.20 -9.76
CA LYS A 320 -23.01 4.34 -9.13
C LYS A 320 -22.76 4.21 -7.63
N ARG A 321 -21.49 3.99 -7.25
CA ARG A 321 -21.16 3.76 -5.85
C ARG A 321 -21.41 5.01 -5.01
N ILE A 322 -21.02 6.18 -5.53
CA ILE A 322 -21.20 7.43 -4.79
C ILE A 322 -22.67 7.77 -4.65
N LEU A 323 -23.48 7.37 -5.62
CA LEU A 323 -24.91 7.66 -5.60
C LEU A 323 -25.65 6.67 -4.70
N LEU B 5 3.95 19.66 20.44
CA LEU B 5 3.56 18.39 21.03
C LEU B 5 4.44 17.25 20.53
N SER B 6 5.72 17.55 20.33
CA SER B 6 6.67 16.55 19.83
C SER B 6 8.06 16.96 20.28
N ALA B 7 8.68 16.15 21.13
CA ALA B 7 10.00 16.45 21.68
C ALA B 7 11.11 15.84 20.82
N GLU B 8 11.10 14.52 20.68
CA GLU B 8 12.03 13.83 19.80
C GLU B 8 11.34 13.06 18.69
N ASP B 9 10.00 13.04 18.66
CA ASP B 9 9.27 12.36 17.60
C ASP B 9 9.42 13.02 16.24
N LYS B 10 9.97 14.24 16.20
CA LYS B 10 10.17 14.91 14.92
C LYS B 10 11.19 14.15 14.05
N ALA B 11 12.25 13.63 14.68
CA ALA B 11 13.21 12.82 13.93
C ALA B 11 12.57 11.53 13.42
N ALA B 12 11.71 10.91 14.22
CA ALA B 12 10.99 9.73 13.76
C ALA B 12 10.09 10.06 12.59
N VAL B 13 9.42 11.21 12.64
CA VAL B 13 8.57 11.63 11.53
C VAL B 13 9.40 11.86 10.28
N GLU B 14 10.58 12.47 10.43
CA GLU B 14 11.48 12.66 9.30
C GLU B 14 11.90 11.31 8.71
N ARG B 15 12.22 10.35 9.57
CA ARG B 15 12.60 9.03 9.08
C ARG B 15 11.46 8.36 8.33
N SER B 16 10.24 8.47 8.88
CA SER B 16 9.08 7.88 8.22
C SER B 16 8.72 8.59 6.92
N LYS B 17 9.05 9.88 6.79
CA LYS B 17 8.82 10.59 5.55
C LYS B 17 9.89 10.31 4.50
N MET B 18 11.11 9.99 4.93
CA MET B 18 12.18 9.63 4.01
C MET B 18 12.09 8.20 3.52
N ILE B 19 11.72 7.25 4.38
CA ILE B 19 11.47 5.88 3.94
C ILE B 19 10.09 5.77 3.30
N ASP B 20 9.40 6.90 3.14
CA ASP B 20 8.23 7.00 2.27
C ASP B 20 8.60 7.48 0.88
N ARG B 21 9.46 8.48 0.76
CA ARG B 21 9.94 8.91 -0.55
C ARG B 21 10.82 7.85 -1.21
N ASN B 22 11.63 7.12 -0.44
CA ASN B 22 12.39 6.02 -1.01
C ASN B 22 11.47 4.95 -1.57
N LEU B 23 10.41 4.62 -0.81
CA LEU B 23 9.46 3.62 -1.28
C LEU B 23 8.70 4.12 -2.50
N ARG B 24 8.38 5.42 -2.54
CA ARG B 24 7.73 5.97 -3.72
C ARG B 24 8.62 5.87 -4.95
N GLU B 25 9.90 6.19 -4.80
CA GLU B 25 10.83 6.04 -5.92
C GLU B 25 10.92 4.59 -6.37
N ASP B 26 11.01 3.66 -5.41
CA ASP B 26 11.10 2.25 -5.76
C ASP B 26 9.84 1.77 -6.47
N GLY B 27 8.67 2.28 -6.08
CA GLY B 27 7.43 1.88 -6.71
C GLY B 27 7.19 2.51 -8.06
N GLU B 28 7.68 3.73 -8.27
CA GLU B 28 7.63 4.37 -9.57
C GLU B 28 8.68 3.83 -10.53
N LYS B 29 9.72 3.18 -10.01
CA LYS B 29 10.67 2.47 -10.86
C LYS B 29 10.14 1.13 -11.36
N ALA B 30 9.11 0.58 -10.72
CA ALA B 30 8.57 -0.73 -11.09
C ALA B 30 7.33 -0.64 -11.96
N ALA B 31 6.92 0.56 -12.38
CA ALA B 31 5.78 0.70 -13.28
C ALA B 31 6.20 0.74 -14.74
N ARG B 32 7.46 1.06 -15.02
CA ARG B 32 7.95 1.04 -16.40
C ARG B 32 8.14 -0.38 -16.91
N GLU B 33 8.49 -1.31 -16.03
CA GLU B 33 8.70 -2.70 -16.43
C GLU B 33 7.39 -3.34 -16.86
N VAL B 34 7.49 -4.27 -17.80
CA VAL B 34 6.34 -5.03 -18.28
C VAL B 34 6.47 -6.46 -17.77
N LYS B 35 5.39 -6.99 -17.22
CA LYS B 35 5.36 -8.32 -16.63
C LYS B 35 4.55 -9.26 -17.52
N LEU B 36 5.20 -10.32 -17.99
CA LEU B 36 4.57 -11.30 -18.87
C LEU B 36 4.57 -12.67 -18.20
N LEU B 37 3.38 -13.25 -18.07
CA LEU B 37 3.23 -14.59 -17.49
C LEU B 37 3.38 -15.62 -18.59
N LEU B 38 4.48 -16.37 -18.57
CA LEU B 38 4.64 -17.49 -19.48
C LEU B 38 3.80 -18.66 -19.03
N LEU B 39 3.24 -19.39 -19.99
CA LEU B 39 2.39 -20.52 -19.70
C LEU B 39 2.47 -21.52 -20.85
N GLY B 40 1.66 -22.56 -20.77
CA GLY B 40 1.62 -23.58 -21.79
C GLY B 40 1.41 -24.95 -21.18
N ALA B 41 1.68 -25.99 -21.95
CA ALA B 41 1.50 -27.36 -21.49
C ALA B 41 2.76 -28.19 -21.72
N GLY B 42 3.54 -27.83 -22.73
CA GLY B 42 4.72 -28.59 -23.11
C GLY B 42 5.99 -27.87 -22.67
N GLU B 43 6.88 -28.63 -22.02
CA GLU B 43 8.13 -28.05 -21.56
C GLU B 43 9.05 -27.70 -22.73
N SER B 44 9.03 -28.50 -23.80
CA SER B 44 9.86 -28.21 -24.96
C SER B 44 9.46 -26.89 -25.62
N GLY B 45 8.16 -26.65 -25.73
CA GLY B 45 7.70 -25.38 -26.29
C GLY B 45 8.15 -24.19 -25.47
N LYS B 46 8.16 -24.33 -24.15
CA LYS B 46 8.61 -23.22 -23.36
C LYS B 46 10.06 -22.93 -23.64
N SER B 47 10.87 -23.97 -23.79
CA SER B 47 12.29 -23.76 -23.97
C SER B 47 12.65 -22.84 -25.09
N THR B 48 12.08 -23.03 -26.25
CA THR B 48 12.47 -22.22 -27.39
C THR B 48 12.19 -20.75 -27.16
N ILE B 49 11.16 -20.47 -26.38
CA ILE B 49 10.79 -19.09 -26.16
C ILE B 49 11.36 -18.57 -24.87
N VAL B 50 12.11 -19.38 -24.14
CA VAL B 50 12.79 -18.84 -22.98
C VAL B 50 14.23 -18.77 -23.37
N LYS B 51 14.55 -19.30 -24.55
CA LYS B 51 15.93 -19.32 -25.00
C LYS B 51 16.33 -17.96 -25.50
N GLN B 52 15.67 -17.48 -26.54
CA GLN B 52 15.96 -16.18 -27.13
C GLN B 52 16.97 -15.26 -26.40
N MET B 53 16.51 -14.52 -25.40
CA MET B 53 17.39 -13.58 -24.69
C MET B 53 17.58 -13.91 -23.23
N LYS B 54 18.78 -13.67 -22.71
CA LYS B 54 19.11 -13.99 -21.33
C LYS B 54 18.31 -15.13 -20.74
N THR B 182 12.79 -23.38 -6.14
CA THR B 182 11.83 -23.95 -7.04
C THR B 182 10.87 -22.86 -7.40
N GLY B 183 9.59 -23.17 -7.52
CA GLY B 183 8.61 -22.14 -7.77
C GLY B 183 8.89 -21.17 -8.88
N ILE B 184 8.41 -19.95 -8.74
CA ILE B 184 8.56 -19.01 -9.81
C ILE B 184 9.99 -18.91 -10.21
N VAL B 185 10.29 -19.05 -11.49
CA VAL B 185 11.65 -18.86 -11.98
C VAL B 185 11.70 -17.64 -12.83
N GLU B 186 12.13 -16.52 -12.28
CA GLU B 186 12.13 -15.32 -13.07
C GLU B 186 13.25 -15.16 -14.01
N THR B 187 13.06 -14.47 -15.09
CA THR B 187 13.97 -14.12 -16.18
C THR B 187 13.62 -12.78 -16.80
N HIS B 188 14.59 -11.87 -16.79
CA HIS B 188 14.41 -10.51 -17.25
C HIS B 188 15.40 -10.19 -18.37
N PHE B 189 14.94 -9.42 -19.35
CA PHE B 189 15.80 -8.98 -20.45
C PHE B 189 15.35 -7.60 -20.88
N THR B 190 16.26 -6.89 -21.56
CA THR B 190 16.01 -5.54 -22.03
C THR B 190 16.07 -5.51 -23.55
N PHE B 191 15.05 -4.90 -24.17
CA PHE B 191 14.97 -4.81 -25.62
C PHE B 191 14.35 -3.46 -26.00
N LYS B 192 15.03 -2.74 -26.89
CA LYS B 192 14.55 -1.45 -27.38
C LYS B 192 14.24 -0.49 -26.24
N ASP B 193 15.15 -0.43 -25.26
CA ASP B 193 15.01 0.42 -24.09
C ASP B 193 13.72 0.12 -23.33
N LEU B 194 13.38 -1.16 -23.23
CA LEU B 194 12.21 -1.62 -22.48
C LEU B 194 12.62 -2.82 -21.64
N HIS B 195 12.23 -2.80 -20.36
CA HIS B 195 12.60 -3.85 -19.42
C HIS B 195 11.48 -4.88 -19.37
N PHE B 196 11.76 -6.09 -19.84
CA PHE B 196 10.80 -7.19 -19.83
C PHE B 196 11.06 -8.07 -18.63
N LYS B 197 9.99 -8.44 -17.92
CA LYS B 197 10.05 -9.35 -16.79
C LYS B 197 9.14 -10.53 -17.08
N MET B 198 9.73 -11.70 -17.30
CA MET B 198 9.00 -12.89 -17.70
C MET B 198 9.00 -13.90 -16.55
N PHE B 199 7.82 -14.33 -16.13
CA PHE B 199 7.68 -15.27 -15.02
C PHE B 199 7.25 -16.63 -15.58
N ASP B 200 7.98 -17.68 -15.18
CA ASP B 200 7.60 -19.05 -15.47
C ASP B 200 7.05 -19.66 -14.19
N VAL B 201 5.85 -20.24 -14.27
CA VAL B 201 5.19 -20.75 -13.06
C VAL B 201 4.89 -22.23 -13.12
N GLY B 202 4.98 -22.82 -14.29
CA GLY B 202 4.68 -24.24 -14.43
C GLY B 202 5.27 -25.21 -13.43
N GLY B 203 6.47 -24.94 -12.92
CA GLY B 203 7.07 -25.78 -11.91
C GLY B 203 6.16 -26.11 -10.73
N GLN B 204 5.48 -25.12 -10.16
CA GLN B 204 4.60 -25.33 -9.02
C GLN B 204 3.57 -26.40 -9.28
N ARG B 205 3.72 -27.54 -8.63
CA ARG B 205 2.75 -28.62 -8.79
C ARG B 205 1.67 -28.58 -7.70
N SER B 206 0.71 -27.67 -7.83
CA SER B 206 -0.33 -27.48 -6.83
C SER B 206 -1.59 -27.00 -7.54
N GLU B 207 -2.61 -26.65 -6.77
CA GLU B 207 -3.85 -26.16 -7.35
C GLU B 207 -3.64 -24.81 -8.01
N ARG B 208 -4.17 -24.65 -9.23
CA ARG B 208 -3.99 -23.41 -9.96
C ARG B 208 -4.83 -22.27 -9.38
N LYS B 209 -6.03 -22.57 -8.89
CA LYS B 209 -6.96 -21.53 -8.45
C LYS B 209 -6.55 -20.87 -7.15
N LYS B 210 -5.59 -21.43 -6.41
CA LYS B 210 -5.22 -20.88 -5.11
C LYS B 210 -4.12 -19.84 -5.18
N TRP B 211 -3.47 -19.67 -6.33
CA TRP B 211 -2.45 -18.65 -6.49
C TRP B 211 -2.50 -17.92 -7.82
N ILE B 212 -3.49 -18.20 -8.67
CA ILE B 212 -3.54 -17.54 -9.97
C ILE B 212 -3.86 -16.06 -9.83
N HIS B 213 -4.57 -15.68 -8.77
CA HIS B 213 -4.93 -14.28 -8.59
C HIS B 213 -3.77 -13.40 -8.20
N CYS B 214 -2.61 -13.98 -7.86
CA CYS B 214 -1.43 -13.18 -7.58
C CYS B 214 -0.90 -12.46 -8.82
N PHE B 215 -1.30 -12.91 -10.01
CA PHE B 215 -0.87 -12.33 -11.28
C PHE B 215 -1.95 -11.46 -11.90
N GLU B 216 -2.70 -10.72 -11.07
CA GLU B 216 -3.82 -9.94 -11.57
C GLU B 216 -3.38 -8.85 -12.54
N GLY B 217 -2.23 -8.22 -12.27
CA GLY B 217 -1.82 -7.06 -13.03
C GLY B 217 -0.80 -7.30 -14.12
N VAL B 218 -0.66 -8.55 -14.57
CA VAL B 218 0.31 -8.86 -15.62
C VAL B 218 -0.10 -8.18 -16.91
N THR B 219 0.88 -7.67 -17.65
CA THR B 219 0.58 -6.97 -18.90
C THR B 219 0.05 -7.92 -19.96
N ALA B 220 0.70 -9.08 -20.12
CA ALA B 220 0.32 -10.05 -21.14
C ALA B 220 0.60 -11.45 -20.64
N ILE B 221 -0.03 -12.43 -21.29
CA ILE B 221 0.10 -13.84 -20.92
C ILE B 221 0.62 -14.58 -22.15
N ILE B 222 1.92 -14.84 -22.19
CA ILE B 222 2.50 -15.60 -23.31
C ILE B 222 2.03 -17.04 -23.22
N PHE B 223 1.49 -17.55 -24.32
CA PHE B 223 0.95 -18.91 -24.37
C PHE B 223 1.57 -19.62 -25.56
N CYS B 224 2.28 -20.72 -25.30
CA CYS B 224 2.95 -21.49 -26.33
C CYS B 224 2.42 -22.91 -26.34
N VAL B 225 1.95 -23.31 -27.51
CA VAL B 225 1.39 -24.62 -27.64
C VAL B 225 2.12 -25.28 -28.74
N ALA B 226 1.82 -26.55 -28.95
CA ALA B 226 2.56 -27.30 -29.93
C ALA B 226 1.70 -27.59 -31.11
N LEU B 227 2.28 -27.51 -32.30
CA LEU B 227 1.55 -27.76 -33.51
C LEU B 227 1.89 -29.15 -33.92
N SER B 228 3.04 -29.62 -33.47
CA SER B 228 3.45 -30.95 -33.79
C SER B 228 2.50 -31.93 -33.21
N ASP B 229 2.08 -31.70 -31.99
CA ASP B 229 1.24 -32.67 -31.33
C ASP B 229 -0.22 -32.56 -31.64
N TYR B 230 -0.66 -33.04 -32.79
CA TYR B 230 -2.10 -33.02 -33.02
C TYR B 230 -2.56 -34.40 -32.70
N ASP B 231 -1.68 -35.36 -32.86
CA ASP B 231 -2.01 -36.74 -32.59
C ASP B 231 -1.25 -37.20 -31.39
N LEU B 232 0.06 -37.05 -31.45
CA LEU B 232 0.92 -37.50 -30.38
C LEU B 232 0.42 -37.04 -29.03
N ASN B 241 -4.98 -35.84 -29.33
CA ASN B 241 -5.65 -35.41 -28.13
C ASN B 241 -4.71 -34.67 -27.22
N ARG B 242 -3.43 -34.61 -27.54
CA ARG B 242 -2.55 -33.83 -26.70
C ARG B 242 -2.88 -32.41 -27.02
N MET B 243 -3.37 -32.15 -28.22
CA MET B 243 -3.79 -30.81 -28.56
C MET B 243 -5.14 -30.56 -27.95
N HIS B 244 -5.90 -31.61 -27.73
CA HIS B 244 -7.15 -31.40 -27.06
C HIS B 244 -6.89 -30.98 -25.64
N GLU B 245 -5.86 -31.53 -25.04
CA GLU B 245 -5.49 -31.13 -23.69
C GLU B 245 -5.15 -29.67 -23.65
N SER B 246 -4.35 -29.23 -24.59
CA SER B 246 -3.95 -27.86 -24.60
C SER B 246 -5.14 -27.01 -24.84
N MET B 247 -6.01 -27.42 -25.75
CA MET B 247 -7.14 -26.58 -26.07
C MET B 247 -7.93 -26.28 -24.82
N LYS B 248 -7.97 -27.19 -23.88
CA LYS B 248 -8.63 -26.89 -22.63
C LYS B 248 -7.81 -25.90 -21.86
N LEU B 249 -6.53 -26.16 -21.66
CA LEU B 249 -5.75 -25.27 -20.83
C LEU B 249 -5.81 -23.90 -21.36
N PHE B 250 -6.11 -23.75 -22.63
CA PHE B 250 -6.29 -22.40 -23.18
C PHE B 250 -7.66 -21.85 -22.82
N ASP B 251 -8.70 -22.69 -22.89
CA ASP B 251 -10.03 -22.25 -22.49
C ASP B 251 -10.08 -21.91 -21.01
N SER B 252 -9.44 -22.73 -20.17
CA SER B 252 -9.45 -22.48 -18.73
C SER B 252 -8.75 -21.16 -18.39
N ILE B 253 -7.67 -20.83 -19.10
CA ILE B 253 -6.93 -19.62 -18.78
C ILE B 253 -7.57 -18.38 -19.41
N CYS B 254 -8.14 -18.51 -20.61
CA CYS B 254 -8.60 -17.34 -21.35
C CYS B 254 -9.78 -16.67 -20.66
N ASN B 255 -10.92 -17.37 -20.56
CA ASN B 255 -12.13 -16.78 -20.00
C ASN B 255 -12.26 -17.04 -18.51
N ASN B 256 -11.20 -16.72 -17.77
CA ASN B 256 -11.20 -16.89 -16.32
C ASN B 256 -11.91 -15.73 -15.64
N LYS B 257 -12.19 -15.90 -14.34
CA LYS B 257 -12.75 -14.80 -13.57
C LYS B 257 -11.80 -13.61 -13.52
N TRP B 258 -10.52 -13.88 -13.30
CA TRP B 258 -9.48 -12.88 -13.44
C TRP B 258 -9.10 -12.78 -14.92
N PHE B 259 -8.05 -12.02 -15.24
CA PHE B 259 -7.51 -11.90 -16.59
C PHE B 259 -8.55 -11.40 -17.59
N THR B 260 -9.59 -10.72 -17.11
CA THR B 260 -10.68 -10.30 -18.00
C THR B 260 -10.30 -9.12 -18.88
N ASP B 261 -9.14 -8.50 -18.65
CA ASP B 261 -8.71 -7.37 -19.47
C ASP B 261 -7.24 -7.49 -19.84
N THR B 262 -6.71 -8.70 -19.86
CA THR B 262 -5.32 -8.96 -20.21
C THR B 262 -5.24 -9.71 -21.52
N SER B 263 -4.48 -9.17 -22.47
CA SER B 263 -4.31 -9.82 -23.76
C SER B 263 -3.50 -11.11 -23.60
N ILE B 264 -3.68 -12.02 -24.56
CA ILE B 264 -3.03 -13.32 -24.54
C ILE B 264 -2.28 -13.49 -25.85
N ILE B 265 -0.95 -13.41 -25.81
CA ILE B 265 -0.13 -13.70 -26.97
C ILE B 265 -0.07 -15.20 -27.17
N LEU B 266 -0.31 -15.64 -28.40
CA LEU B 266 -0.42 -17.07 -28.73
C LEU B 266 0.76 -17.44 -29.63
N PHE B 267 1.71 -18.19 -29.09
CA PHE B 267 2.81 -18.72 -29.87
C PHE B 267 2.48 -20.12 -30.38
N LEU B 268 3.04 -20.45 -31.55
CA LEU B 268 2.90 -21.77 -32.14
C LEU B 268 4.28 -22.30 -32.47
N ASN B 269 4.58 -23.51 -31.98
CA ASN B 269 5.91 -24.08 -32.09
C ASN B 269 5.88 -25.35 -32.94
N LYS B 270 7.08 -25.80 -33.32
CA LYS B 270 7.27 -27.04 -34.08
C LYS B 270 6.49 -27.01 -35.39
N LYS B 271 6.52 -25.87 -36.08
CA LYS B 271 5.78 -25.76 -37.33
C LYS B 271 6.44 -26.58 -38.44
N ASP B 272 7.76 -26.68 -38.45
CA ASP B 272 8.45 -27.44 -39.49
C ASP B 272 8.14 -28.93 -39.37
N LEU B 273 8.30 -29.49 -38.17
CA LEU B 273 7.98 -30.90 -37.96
C LEU B 273 6.52 -31.16 -38.25
N PHE B 274 5.65 -30.20 -37.92
CA PHE B 274 4.25 -30.30 -38.32
C PHE B 274 4.12 -30.38 -39.84
N GLU B 275 4.88 -29.58 -40.56
CA GLU B 275 4.83 -29.60 -42.03
C GLU B 275 5.24 -30.97 -42.56
N GLU B 276 6.32 -31.54 -42.03
CA GLU B 276 6.74 -32.86 -42.52
C GLU B 276 5.74 -33.95 -42.15
N LYS B 277 5.21 -33.92 -40.92
CA LYS B 277 4.37 -35.01 -40.44
C LYS B 277 2.91 -34.88 -40.83
N ILE B 278 2.50 -33.76 -41.43
CA ILE B 278 1.11 -33.62 -41.86
C ILE B 278 0.84 -34.34 -43.18
N LYS B 279 1.89 -34.68 -43.93
CA LYS B 279 1.67 -35.33 -45.23
C LYS B 279 1.05 -36.71 -45.06
N LYS B 280 1.51 -37.48 -44.07
CA LYS B 280 1.04 -38.85 -43.89
C LYS B 280 -0.09 -38.98 -42.88
N SER B 281 -0.23 -38.03 -41.97
CA SER B 281 -1.24 -38.12 -40.92
C SER B 281 -2.37 -37.13 -41.18
N PRO B 282 -3.55 -37.58 -41.58
CA PRO B 282 -4.67 -36.66 -41.74
C PRO B 282 -5.18 -36.16 -40.40
N LEU B 283 -5.83 -34.99 -40.44
CA LEU B 283 -6.37 -34.38 -39.23
C LEU B 283 -7.59 -35.11 -38.70
N THR B 284 -8.15 -36.06 -39.46
CA THR B 284 -9.39 -36.73 -39.07
C THR B 284 -9.25 -37.48 -37.74
N ILE B 285 -8.04 -37.93 -37.39
CA ILE B 285 -7.87 -38.67 -36.15
C ILE B 285 -8.20 -37.79 -34.95
N CYS B 286 -7.79 -36.52 -34.99
CA CYS B 286 -8.07 -35.59 -33.90
C CYS B 286 -9.10 -34.52 -34.25
N TYR B 287 -9.34 -34.27 -35.53
CA TYR B 287 -10.28 -33.24 -35.98
C TYR B 287 -11.25 -33.87 -36.98
N PRO B 288 -12.29 -34.55 -36.50
CA PRO B 288 -13.27 -35.13 -37.44
C PRO B 288 -14.02 -34.09 -38.25
N GLU B 289 -14.06 -32.83 -37.80
CA GLU B 289 -14.81 -31.79 -38.48
C GLU B 289 -14.05 -31.12 -39.61
N TYR B 290 -12.79 -31.52 -39.85
CA TYR B 290 -12.02 -30.92 -40.93
C TYR B 290 -12.56 -31.37 -42.28
N ALA B 291 -12.69 -30.42 -43.20
CA ALA B 291 -13.18 -30.71 -44.54
C ALA B 291 -12.27 -30.20 -45.64
N GLY B 292 -11.22 -29.44 -45.33
CA GLY B 292 -10.34 -28.90 -46.34
C GLY B 292 -9.30 -29.91 -46.80
N SER B 293 -8.41 -29.43 -47.66
CA SER B 293 -7.36 -30.27 -48.22
C SER B 293 -6.25 -30.48 -47.18
N ASN B 294 -5.43 -31.49 -47.43
CA ASN B 294 -4.31 -31.85 -46.56
C ASN B 294 -3.07 -31.08 -47.01
N THR B 295 -2.89 -29.89 -46.46
CA THR B 295 -1.72 -29.07 -46.78
C THR B 295 -1.35 -28.24 -45.56
N TYR B 296 -0.10 -27.79 -45.56
CA TYR B 296 0.42 -27.04 -44.41
C TYR B 296 -0.31 -25.72 -44.22
N GLU B 297 -0.57 -25.00 -45.32
CA GLU B 297 -1.15 -23.67 -45.20
C GLU B 297 -2.57 -23.72 -44.64
N GLU B 298 -3.41 -24.62 -45.18
CA GLU B 298 -4.80 -24.67 -44.73
C GLU B 298 -4.91 -25.19 -43.30
N ALA B 299 -4.06 -26.15 -42.93
CA ALA B 299 -4.09 -26.69 -41.58
C ALA B 299 -3.73 -25.63 -40.55
N ALA B 300 -2.70 -24.82 -40.84
CA ALA B 300 -2.29 -23.78 -39.90
C ALA B 300 -3.40 -22.75 -39.70
N ALA B 301 -4.03 -22.30 -40.78
CA ALA B 301 -5.12 -21.35 -40.66
C ALA B 301 -6.30 -21.95 -39.90
N TYR B 302 -6.61 -23.22 -40.17
CA TYR B 302 -7.72 -23.87 -39.49
C TYR B 302 -7.46 -23.97 -37.99
N ILE B 303 -6.24 -24.36 -37.60
CA ILE B 303 -5.95 -24.50 -36.18
C ILE B 303 -5.88 -23.13 -35.51
N GLN B 304 -5.43 -22.11 -36.24
CA GLN B 304 -5.46 -20.74 -35.71
C GLN B 304 -6.89 -20.31 -35.42
N CYS B 305 -7.80 -20.55 -36.37
CA CYS B 305 -9.20 -20.20 -36.17
C CYS B 305 -9.80 -21.00 -35.02
N GLN B 306 -9.44 -22.28 -34.91
CA GLN B 306 -9.96 -23.10 -33.83
C GLN B 306 -9.49 -22.58 -32.47
N PHE B 307 -8.21 -22.20 -32.36
CA PHE B 307 -7.71 -21.63 -31.12
C PHE B 307 -8.41 -20.31 -30.79
N GLU B 308 -8.61 -19.46 -31.79
CA GLU B 308 -9.25 -18.17 -31.55
C GLU B 308 -10.73 -18.29 -31.25
N ASP B 309 -11.37 -19.41 -31.65
CA ASP B 309 -12.80 -19.56 -31.42
C ASP B 309 -13.15 -19.67 -29.95
N LEU B 310 -12.26 -20.23 -29.13
CA LEU B 310 -12.54 -20.42 -27.72
C LEU B 310 -12.59 -19.12 -26.92
N ASN B 311 -12.19 -18.00 -27.53
CA ASN B 311 -12.30 -16.71 -26.84
C ASN B 311 -13.77 -16.37 -26.59
N LYS B 312 -14.07 -15.90 -25.38
CA LYS B 312 -15.43 -15.56 -25.00
C LYS B 312 -15.63 -14.07 -24.76
N ARG B 313 -14.56 -13.27 -24.76
CA ARG B 313 -14.65 -11.82 -24.60
C ARG B 313 -13.89 -11.19 -25.76
N LYS B 314 -14.60 -10.98 -26.87
CA LYS B 314 -13.98 -10.48 -28.10
C LYS B 314 -13.80 -8.97 -28.10
N ASP B 315 -14.34 -8.26 -27.12
CA ASP B 315 -14.27 -6.80 -27.07
C ASP B 315 -13.32 -6.28 -26.00
N THR B 316 -12.59 -7.16 -25.32
CA THR B 316 -11.67 -6.72 -24.28
C THR B 316 -10.28 -7.31 -24.48
N LYS B 317 -10.21 -8.50 -25.06
CA LYS B 317 -8.95 -9.19 -25.28
C LYS B 317 -8.52 -9.10 -26.74
N GLU B 318 -7.25 -9.42 -26.99
CA GLU B 318 -6.69 -9.43 -28.34
C GLU B 318 -5.67 -10.55 -28.41
N ILE B 319 -6.05 -11.67 -29.02
CA ILE B 319 -5.20 -12.85 -29.11
C ILE B 319 -4.25 -12.64 -30.29
N TYR B 320 -3.03 -12.23 -30.01
CA TYR B 320 -2.01 -12.04 -31.05
C TYR B 320 -1.37 -13.40 -31.34
N THR B 321 -1.44 -13.83 -32.60
CA THR B 321 -0.91 -15.13 -33.00
C THR B 321 0.31 -14.95 -33.90
N HIS B 322 1.33 -15.77 -33.66
CA HIS B 322 2.53 -15.76 -34.48
C HIS B 322 3.08 -17.17 -34.60
N PHE B 323 3.65 -17.46 -35.76
CA PHE B 323 4.31 -18.75 -36.00
C PHE B 323 5.80 -18.58 -35.80
N THR B 324 6.35 -19.32 -34.84
CA THR B 324 7.76 -19.18 -34.50
C THR B 324 8.65 -19.68 -35.63
N CYS B 325 9.77 -18.98 -35.82
CA CYS B 325 10.74 -19.30 -36.85
C CYS B 325 12.12 -19.45 -36.22
N ALA B 326 13.06 -19.95 -37.01
CA ALA B 326 14.42 -20.15 -36.51
C ALA B 326 15.07 -18.83 -36.13
N THR B 327 14.71 -17.75 -36.84
CA THR B 327 15.32 -16.45 -36.56
C THR B 327 14.96 -16.00 -35.16
N ASP B 328 15.98 -15.68 -34.36
CA ASP B 328 15.75 -15.25 -32.99
C ASP B 328 15.02 -13.92 -32.96
N THR B 329 15.48 -12.98 -33.78
CA THR B 329 15.02 -11.59 -33.66
C THR B 329 13.52 -11.47 -33.85
N LYS B 330 12.92 -12.31 -34.72
CA LYS B 330 11.52 -12.15 -35.07
C LYS B 330 10.60 -12.37 -33.87
N ASN B 331 10.90 -13.37 -33.04
CA ASN B 331 10.06 -13.65 -31.89
C ASN B 331 10.06 -12.48 -30.91
N VAL B 332 11.24 -11.94 -30.61
CA VAL B 332 11.34 -10.81 -29.69
C VAL B 332 10.67 -9.58 -30.29
N GLN B 333 10.80 -9.39 -31.61
CA GLN B 333 10.14 -8.26 -32.27
C GLN B 333 8.63 -8.37 -32.17
N PHE B 334 8.09 -9.59 -32.38
CA PHE B 334 6.65 -9.78 -32.27
C PHE B 334 6.18 -9.55 -30.84
N VAL B 335 6.95 -10.01 -29.85
CA VAL B 335 6.59 -9.79 -28.46
C VAL B 335 6.58 -8.30 -28.14
N PHE B 336 7.59 -7.57 -28.61
CA PHE B 336 7.67 -6.14 -28.35
C PHE B 336 6.53 -5.39 -29.04
N ASP B 337 6.21 -5.78 -30.28
CA ASP B 337 5.14 -5.10 -31.00
C ASP B 337 3.78 -5.33 -30.33
N ALA B 338 3.53 -6.56 -29.88
CA ALA B 338 2.26 -6.85 -29.20
C ALA B 338 2.17 -6.11 -27.87
N VAL B 339 3.27 -6.04 -27.13
CA VAL B 339 3.27 -5.37 -25.84
C VAL B 339 3.06 -3.87 -26.02
N THR B 340 3.67 -3.28 -27.06
CA THR B 340 3.51 -1.85 -27.31
C THR B 340 2.05 -1.49 -27.58
N ASP B 341 1.34 -2.35 -28.33
CA ASP B 341 -0.07 -2.10 -28.60
C ASP B 341 -0.90 -2.17 -27.32
N VAL B 342 -0.57 -3.12 -26.43
CA VAL B 342 -1.33 -3.26 -25.19
C VAL B 342 -1.09 -2.06 -24.28
N ILE B 343 0.14 -1.55 -24.26
CA ILE B 343 0.47 -0.42 -23.40
C ILE B 343 -0.35 0.81 -23.80
N ILE B 344 -0.48 1.07 -25.10
CA ILE B 344 -1.26 2.21 -25.57
C ILE B 344 -2.71 2.07 -25.16
N LYS B 345 -3.28 0.88 -25.32
CA LYS B 345 -4.67 0.66 -24.94
C LYS B 345 -4.87 0.85 -23.44
N ASN B 346 -3.92 0.38 -22.62
CA ASN B 346 -4.02 0.58 -21.19
C ASN B 346 -3.93 2.06 -20.83
N ASN B 347 -3.06 2.80 -21.51
CA ASN B 347 -2.96 4.24 -21.27
C ASN B 347 -4.26 4.95 -21.63
N LEU B 348 -4.88 4.55 -22.75
CA LEU B 348 -6.15 5.17 -23.15
C LEU B 348 -7.25 4.89 -22.13
N LYS B 349 -7.26 3.70 -21.55
CA LYS B 349 -8.30 3.36 -20.58
C LYS B 349 -8.22 4.24 -19.35
N ASP B 350 -7.01 4.62 -18.93
CA ASP B 350 -6.86 5.47 -17.76
C ASP B 350 -7.50 6.84 -17.98
N CYS B 351 -7.15 7.48 -19.09
CA CYS B 351 -7.69 8.81 -19.38
C CYS B 351 -9.20 8.76 -19.63
N GLY B 352 -9.65 7.76 -20.38
CA GLY B 352 -11.06 7.60 -20.67
C GLY B 352 -11.49 8.00 -22.07
N LEU B 353 -10.60 7.91 -23.06
CA LEU B 353 -10.96 8.29 -24.42
C LEU B 353 -11.95 7.34 -25.07
N PHE B 354 -12.21 6.18 -24.47
CA PHE B 354 -13.16 5.22 -25.00
C PHE B 354 -14.56 5.81 -25.09
N ASP C 18 -13.80 -52.72 -0.67
CA ASP C 18 -12.48 -53.30 -0.40
C ASP C 18 -12.42 -53.87 1.00
N GLU C 19 -12.03 -55.14 1.10
CA GLU C 19 -11.93 -55.80 2.41
C GLU C 19 -10.85 -55.16 3.27
N LEU C 20 -9.73 -54.77 2.65
CA LEU C 20 -8.67 -54.11 3.39
C LEU C 20 -9.12 -52.78 3.96
N ARG C 21 -9.85 -51.99 3.15
CA ARG C 21 -10.40 -50.73 3.61
C ARG C 21 -11.70 -50.90 4.39
N GLN C 22 -12.23 -52.12 4.46
CA GLN C 22 -13.46 -52.36 5.20
C GLN C 22 -13.25 -52.09 6.69
N GLU C 23 -12.09 -52.45 7.23
CA GLU C 23 -11.80 -52.18 8.63
C GLU C 23 -11.75 -50.69 8.89
N ALA C 24 -11.16 -49.92 7.97
CA ALA C 24 -11.17 -48.46 8.11
C ALA C 24 -12.59 -47.92 8.03
N GLU C 25 -13.44 -48.52 7.18
CA GLU C 25 -14.84 -48.11 7.13
C GLU C 25 -15.53 -48.34 8.47
N GLN C 26 -15.31 -49.50 9.09
CA GLN C 26 -15.88 -49.72 10.41
C GLN C 26 -15.32 -48.74 11.45
N LEU C 27 -14.01 -48.44 11.37
CA LEU C 27 -13.41 -47.48 12.31
C LEU C 27 -14.10 -46.13 12.21
N LYS C 28 -14.29 -45.64 10.98
CA LYS C 28 -15.04 -44.41 10.78
C LYS C 28 -16.46 -44.56 11.30
N ASN C 29 -17.03 -45.77 11.18
CA ASN C 29 -18.38 -46.01 11.69
C ASN C 29 -18.45 -45.74 13.19
N GLN C 30 -17.56 -46.36 13.99
CA GLN C 30 -17.75 -46.12 15.43
C GLN C 30 -17.32 -44.72 15.83
N ILE C 31 -16.35 -44.12 15.12
CA ILE C 31 -16.00 -42.76 15.51
C ILE C 31 -17.17 -41.80 15.24
N ARG C 32 -17.86 -41.97 14.10
CA ARG C 32 -19.03 -41.15 13.82
C ARG C 32 -20.14 -41.45 14.82
N ASP C 33 -20.33 -42.72 15.18
CA ASP C 33 -21.36 -43.08 16.16
C ASP C 33 -21.08 -42.45 17.51
N ALA C 34 -19.82 -42.47 17.94
CA ALA C 34 -19.46 -41.85 19.22
C ALA C 34 -19.67 -40.34 19.18
N ARG C 35 -19.29 -39.69 18.07
CA ARG C 35 -19.52 -38.26 17.96
C ARG C 35 -21.01 -37.93 17.99
N LYS C 36 -21.83 -38.74 17.33
CA LYS C 36 -23.27 -38.51 17.33
C LYS C 36 -23.86 -38.74 18.73
N ALA C 37 -23.41 -39.78 19.42
CA ALA C 37 -23.99 -40.13 20.72
C ALA C 37 -23.59 -39.14 21.79
N CYS C 38 -22.35 -38.64 21.74
CA CYS C 38 -21.88 -37.71 22.76
C CYS C 38 -22.57 -36.35 22.69
N ALA C 39 -23.31 -36.07 21.62
CA ALA C 39 -24.01 -34.80 21.47
C ALA C 39 -25.41 -34.95 22.06
N ASP C 40 -25.49 -34.82 23.39
CA ASP C 40 -26.77 -34.92 24.08
C ASP C 40 -27.56 -33.62 24.04
N ALA C 41 -26.92 -32.50 23.70
CA ALA C 41 -27.59 -31.21 23.68
C ALA C 41 -26.80 -30.26 22.80
N THR C 42 -27.50 -29.41 22.06
CA THR C 42 -26.85 -28.44 21.21
C THR C 42 -26.59 -27.13 21.96
N LEU C 43 -25.61 -26.37 21.48
CA LEU C 43 -25.24 -25.12 22.15
C LEU C 43 -26.31 -24.06 21.98
N SER C 44 -27.00 -24.02 20.84
CA SER C 44 -27.91 -22.93 20.54
C SER C 44 -29.04 -22.83 21.57
N GLN C 45 -29.64 -23.97 21.92
CA GLN C 45 -30.71 -23.93 22.92
C GLN C 45 -30.16 -23.68 24.32
N ILE C 46 -28.91 -24.04 24.56
CA ILE C 46 -28.29 -23.76 25.86
C ILE C 46 -28.12 -22.26 26.05
N THR C 47 -27.60 -21.57 25.04
CA THR C 47 -27.40 -20.12 25.13
C THR C 47 -28.64 -19.38 24.63
N ASN C 48 -29.68 -19.44 25.45
CA ASN C 48 -30.94 -18.76 25.15
C ASN C 48 -31.34 -17.72 26.18
N ASN C 49 -30.92 -17.86 27.44
CA ASN C 49 -31.30 -16.92 28.49
C ASN C 49 -30.30 -15.78 28.65
N ILE C 50 -29.19 -15.81 27.94
CA ILE C 50 -28.20 -14.74 28.04
C ILE C 50 -28.61 -13.58 27.15
N ASP C 51 -28.35 -12.36 27.63
CA ASP C 51 -28.78 -11.18 26.88
C ASP C 51 -27.87 -10.96 25.67
N PRO C 52 -28.43 -10.60 24.52
CA PRO C 52 -27.60 -10.31 23.36
C PRO C 52 -26.77 -9.05 23.57
N VAL C 53 -25.63 -8.99 22.88
CA VAL C 53 -24.71 -7.87 23.04
C VAL C 53 -25.25 -6.59 22.41
N GLY C 54 -26.24 -6.70 21.53
CA GLY C 54 -26.78 -5.53 20.86
C GLY C 54 -25.90 -5.09 19.72
N ARG C 55 -26.35 -4.03 19.04
CA ARG C 55 -25.61 -3.49 17.91
C ARG C 55 -24.26 -2.94 18.35
N ILE C 56 -23.24 -3.14 17.52
CA ILE C 56 -21.89 -2.70 17.81
C ILE C 56 -21.47 -1.70 16.74
N GLN C 57 -21.03 -0.52 17.17
CA GLN C 57 -20.58 0.53 16.27
C GLN C 57 -19.06 0.66 16.38
N MET C 58 -18.38 0.44 15.27
CA MET C 58 -16.93 0.54 15.20
C MET C 58 -16.54 1.55 14.13
N ARG C 59 -15.62 2.44 14.46
CA ARG C 59 -15.25 3.55 13.59
C ARG C 59 -13.77 3.50 13.28
N THR C 60 -13.40 4.11 12.15
CA THR C 60 -12.01 4.16 11.71
C THR C 60 -11.26 5.21 12.52
N ARG C 61 -10.24 4.77 13.26
CA ARG C 61 -9.41 5.68 14.02
C ARG C 61 -8.19 6.13 13.23
N ARG C 62 -7.51 5.20 12.55
CA ARG C 62 -6.36 5.53 11.73
C ARG C 62 -6.49 4.84 10.38
N THR C 63 -5.94 5.49 9.36
CA THR C 63 -5.79 4.89 8.04
C THR C 63 -4.33 5.03 7.62
N LEU C 64 -3.75 3.93 7.16
CA LEU C 64 -2.31 3.85 6.89
C LEU C 64 -2.11 3.63 5.40
N ARG C 65 -1.34 4.52 4.78
CA ARG C 65 -1.05 4.46 3.35
C ARG C 65 0.45 4.35 3.13
N GLY C 66 0.83 3.79 1.99
CA GLY C 66 2.23 3.59 1.69
C GLY C 66 2.48 2.32 0.91
N HIS C 67 1.50 1.41 0.91
CA HIS C 67 1.56 0.23 0.06
C HIS C 67 0.98 0.57 -1.31
N LEU C 68 1.55 -0.06 -2.34
CA LEU C 68 1.11 0.16 -3.71
C LEU C 68 0.40 -1.03 -4.33
N ALA C 69 0.88 -2.25 -4.08
CA ALA C 69 0.24 -3.44 -4.60
C ALA C 69 -0.78 -3.95 -3.57
N LYS C 70 -1.34 -5.13 -3.83
CA LYS C 70 -2.34 -5.70 -2.93
C LYS C 70 -1.69 -6.18 -1.63
N ILE C 71 -2.44 -6.12 -0.55
CA ILE C 71 -1.98 -6.58 0.76
C ILE C 71 -2.52 -7.98 1.00
N TYR C 72 -1.65 -8.90 1.42
CA TYR C 72 -2.03 -10.29 1.59
C TYR C 72 -2.03 -10.77 3.03
N ALA C 73 -1.21 -10.18 3.91
CA ALA C 73 -1.15 -10.66 5.29
C ALA C 73 -0.58 -9.58 6.19
N MET C 74 -0.85 -9.72 7.49
CA MET C 74 -0.29 -8.86 8.51
C MET C 74 -0.32 -9.59 9.84
N HIS C 75 0.46 -9.08 10.79
CA HIS C 75 0.53 -9.69 12.12
C HIS C 75 0.76 -8.61 13.17
N TRP C 76 -0.05 -8.66 14.23
CA TRP C 76 0.10 -7.72 15.33
C TRP C 76 1.29 -8.08 16.20
N GLY C 77 1.93 -7.06 16.77
CA GLY C 77 3.03 -7.26 17.67
C GLY C 77 2.59 -7.72 19.05
N THR C 78 3.57 -7.98 19.89
CA THR C 78 3.28 -8.41 21.26
C THR C 78 2.83 -7.25 22.14
N ASP C 79 3.40 -6.06 21.92
CA ASP C 79 3.04 -4.89 22.71
C ASP C 79 1.79 -4.19 22.19
N SER C 80 1.20 -4.68 21.11
CA SER C 80 -0.03 -4.11 20.54
C SER C 80 0.18 -2.66 20.12
N ARG C 81 1.38 -2.35 19.62
CA ARG C 81 1.69 -1.00 19.17
C ARG C 81 2.36 -1.04 17.80
N LEU C 82 2.98 -2.17 17.46
CA LEU C 82 3.66 -2.34 16.18
C LEU C 82 3.03 -3.50 15.41
N LEU C 83 2.96 -3.34 14.09
CA LEU C 83 2.44 -4.39 13.22
C LEU C 83 3.23 -4.39 11.92
N VAL C 84 3.32 -5.56 11.29
CA VAL C 84 4.06 -5.74 10.05
C VAL C 84 3.10 -6.23 8.98
N SER C 85 3.27 -5.73 7.76
CA SER C 85 2.40 -6.07 6.64
C SER C 85 3.24 -6.45 5.43
N ALA C 86 2.70 -7.35 4.61
CA ALA C 86 3.37 -7.83 3.42
C ALA C 86 2.49 -7.57 2.21
N SER C 87 3.12 -7.19 1.10
CA SER C 87 2.40 -6.84 -0.12
C SER C 87 3.21 -7.29 -1.32
N GLN C 88 2.55 -7.38 -2.47
CA GLN C 88 3.20 -7.76 -3.71
C GLN C 88 4.16 -6.69 -4.23
N ASP C 89 4.15 -5.49 -3.64
CA ASP C 89 5.09 -4.46 -4.03
C ASP C 89 6.53 -4.91 -3.84
N GLY C 90 6.76 -5.83 -2.91
CA GLY C 90 8.10 -6.27 -2.57
C GLY C 90 8.70 -5.64 -1.34
N LYS C 91 7.89 -4.96 -0.53
CA LYS C 91 8.36 -4.29 0.67
C LYS C 91 7.64 -4.85 1.89
N LEU C 92 8.38 -5.00 2.98
CA LEU C 92 7.83 -5.43 4.26
C LEU C 92 7.95 -4.25 5.23
N ILE C 93 6.81 -3.72 5.65
CA ILE C 93 6.75 -2.47 6.41
C ILE C 93 6.34 -2.80 7.84
N ILE C 94 7.04 -2.20 8.80
CA ILE C 94 6.71 -2.34 10.22
C ILE C 94 6.09 -1.01 10.65
N TRP C 95 4.76 -0.97 10.70
CA TRP C 95 4.05 0.26 11.03
C TRP C 95 4.07 0.52 12.53
N ASP C 96 3.96 1.80 12.90
CA ASP C 96 3.67 2.19 14.28
C ASP C 96 2.19 2.51 14.37
N SER C 97 1.46 1.74 15.17
CA SER C 97 0.01 1.78 15.13
C SER C 97 -0.59 2.98 15.84
N TYR C 98 0.20 3.77 16.56
CA TYR C 98 -0.32 4.90 17.30
C TYR C 98 -0.21 6.22 16.54
N THR C 99 0.99 6.52 16.03
CA THR C 99 1.23 7.75 15.29
C THR C 99 1.31 7.54 13.78
N THR C 100 0.98 6.33 13.31
CA THR C 100 0.97 6.01 11.88
C THR C 100 2.33 6.26 11.22
N ASN C 101 3.41 6.08 11.96
CA ASN C 101 4.75 6.22 11.41
C ASN C 101 5.26 4.87 10.91
N LYS C 102 6.20 4.93 9.97
CA LYS C 102 6.84 3.74 9.43
C LYS C 102 8.18 3.56 10.14
N VAL C 103 8.36 2.41 10.78
CA VAL C 103 9.60 2.13 11.51
C VAL C 103 10.66 1.56 10.59
N HIS C 104 10.33 0.51 9.84
CA HIS C 104 11.27 -0.14 8.95
C HIS C 104 10.61 -0.43 7.61
N ALA C 105 11.43 -0.52 6.57
CA ALA C 105 11.00 -0.89 5.23
C ALA C 105 11.99 -1.92 4.70
N ILE C 106 11.58 -3.18 4.65
CA ILE C 106 12.46 -4.28 4.30
C ILE C 106 12.24 -4.63 2.82
N PRO C 107 13.24 -4.46 1.95
CA PRO C 107 13.09 -4.87 0.56
C PRO C 107 13.29 -6.37 0.43
N LEU C 108 12.39 -7.02 -0.30
CA LEU C 108 12.41 -8.47 -0.45
C LEU C 108 13.08 -8.86 -1.76
N ARG C 109 13.32 -10.16 -1.90
CA ARG C 109 13.93 -10.71 -3.11
C ARG C 109 12.88 -11.17 -4.10
N SER C 110 12.00 -12.07 -3.66
CA SER C 110 10.89 -12.55 -4.49
C SER C 110 9.62 -11.81 -4.06
N SER C 111 9.10 -10.98 -4.96
CA SER C 111 7.94 -10.17 -4.65
C SER C 111 6.65 -10.96 -4.85
N TRP C 112 6.55 -12.13 -4.23
CA TRP C 112 5.36 -12.98 -4.29
C TRP C 112 4.98 -13.47 -2.91
N VAL C 113 5.09 -12.60 -1.91
CA VAL C 113 4.84 -12.99 -0.53
C VAL C 113 3.37 -13.34 -0.35
N MET C 114 3.11 -14.28 0.56
CA MET C 114 1.75 -14.69 0.88
C MET C 114 1.47 -14.75 2.38
N THR C 115 2.46 -14.50 3.23
CA THR C 115 2.27 -14.56 4.67
C THR C 115 3.40 -13.80 5.34
N CYS C 116 3.19 -13.47 6.62
CA CYS C 116 4.20 -12.81 7.43
C CYS C 116 3.93 -13.09 8.89
N ALA C 117 4.97 -12.93 9.71
CA ALA C 117 4.87 -13.18 11.14
C ALA C 117 5.82 -12.27 11.88
N TYR C 118 5.41 -11.84 13.07
CA TYR C 118 6.18 -10.93 13.90
C TYR C 118 6.48 -11.62 15.22
N ALA C 119 7.74 -11.58 15.65
CA ALA C 119 8.19 -12.41 16.75
C ALA C 119 7.51 -12.01 18.06
N PRO C 120 7.26 -12.99 18.93
CA PRO C 120 6.73 -12.65 20.27
C PRO C 120 7.67 -11.76 21.07
N SER C 121 8.97 -11.89 20.87
CA SER C 121 9.95 -11.06 21.56
C SER C 121 10.23 -9.75 20.82
N GLY C 122 9.65 -9.55 19.65
CA GLY C 122 9.85 -8.32 18.90
C GLY C 122 11.18 -8.19 18.21
N ASN C 123 11.95 -9.28 18.12
CA ASN C 123 13.28 -9.25 17.51
C ASN C 123 13.28 -9.68 16.05
N TYR C 124 12.42 -10.62 15.66
CA TYR C 124 12.45 -11.21 14.34
C TYR C 124 11.15 -10.95 13.59
N VAL C 125 11.26 -10.92 12.26
CA VAL C 125 10.10 -10.89 11.37
C VAL C 125 10.38 -11.82 10.20
N ALA C 126 9.40 -12.64 9.84
CA ALA C 126 9.55 -13.65 8.81
C ALA C 126 8.41 -13.59 7.81
N CYS C 127 8.72 -13.89 6.56
CA CYS C 127 7.72 -13.92 5.49
C CYS C 127 8.09 -15.00 4.49
N GLY C 128 7.10 -15.45 3.73
CA GLY C 128 7.31 -16.46 2.71
C GLY C 128 6.25 -16.37 1.64
N GLY C 129 6.59 -16.88 0.45
CA GLY C 129 5.67 -16.79 -0.66
C GLY C 129 5.78 -17.91 -1.68
N LEU C 130 5.76 -17.55 -2.96
CA LEU C 130 5.74 -18.52 -4.05
C LEU C 130 7.11 -19.12 -4.33
N ASP C 131 8.17 -18.63 -3.69
CA ASP C 131 9.51 -19.17 -3.90
C ASP C 131 9.85 -20.33 -2.98
N ASN C 132 8.89 -20.78 -2.17
CA ASN C 132 9.06 -21.94 -1.29
C ASN C 132 10.20 -21.74 -0.30
N ILE C 133 10.45 -20.50 0.10
CA ILE C 133 11.54 -20.17 1.01
C ILE C 133 10.99 -19.28 2.11
N CYS C 134 11.27 -19.64 3.36
CA CYS C 134 10.93 -18.82 4.52
C CYS C 134 12.18 -18.11 5.00
N SER C 135 12.12 -16.78 5.07
CA SER C 135 13.27 -15.95 5.42
C SER C 135 13.06 -15.32 6.79
N ILE C 136 14.12 -15.28 7.58
CA ILE C 136 14.09 -14.68 8.92
C ILE C 136 14.93 -13.41 8.90
N TYR C 137 14.36 -12.33 9.42
CA TYR C 137 15.00 -11.01 9.39
C TYR C 137 15.29 -10.55 10.81
N ASN C 138 16.51 -10.05 11.03
CA ASN C 138 16.83 -9.37 12.28
C ASN C 138 16.25 -7.97 12.28
N LEU C 139 15.94 -7.47 13.47
CA LEU C 139 15.43 -6.12 13.64
C LEU C 139 16.27 -5.26 14.58
N LYS C 140 17.00 -5.88 15.51
CA LYS C 140 17.85 -5.17 16.46
C LYS C 140 19.28 -5.66 16.26
N THR C 141 20.01 -5.02 15.35
CA THR C 141 21.40 -5.35 15.06
C THR C 141 22.30 -4.22 15.54
N ARG C 142 23.60 -4.50 15.56
CA ARG C 142 24.57 -3.47 15.92
C ARG C 142 24.54 -2.32 14.92
N GLN C 143 24.45 -2.64 13.63
CA GLN C 143 24.27 -1.63 12.60
C GLN C 143 22.79 -1.23 12.51
N GLY C 144 22.53 -0.15 11.79
CA GLY C 144 21.17 0.31 11.61
C GLY C 144 20.51 -0.25 10.36
N ASN C 145 20.59 -1.56 10.19
CA ASN C 145 20.06 -2.22 9.01
C ASN C 145 19.29 -3.46 9.41
N VAL C 146 18.36 -3.87 8.56
CA VAL C 146 17.60 -5.11 8.72
C VAL C 146 18.17 -6.12 7.74
N ARG C 147 18.78 -7.16 8.26
CA ARG C 147 19.45 -8.17 7.45
C ARG C 147 18.73 -9.51 7.55
N VAL C 148 19.16 -10.44 6.71
CA VAL C 148 18.54 -11.76 6.64
C VAL C 148 19.34 -12.72 7.52
N SER C 149 18.69 -13.31 8.52
CA SER C 149 19.37 -14.24 9.41
C SER C 149 19.63 -15.56 8.71
N ARG C 150 18.57 -16.23 8.25
CA ARG C 150 18.70 -17.54 7.61
C ARG C 150 17.47 -17.78 6.76
N GLU C 151 17.68 -18.32 5.56
CA GLU C 151 16.61 -18.67 4.64
C GLU C 151 16.35 -20.16 4.74
N LEU C 152 15.11 -20.52 5.07
CA LEU C 152 14.74 -21.92 5.25
C LEU C 152 14.15 -22.47 3.95
N ALA C 153 14.73 -23.55 3.46
CA ALA C 153 14.31 -24.19 2.22
C ALA C 153 14.10 -25.68 2.46
N GLY C 154 13.32 -26.30 1.58
CA GLY C 154 13.01 -27.70 1.71
C GLY C 154 11.54 -28.01 1.51
N HIS C 155 10.79 -27.02 1.03
CA HIS C 155 9.38 -27.19 0.72
C HIS C 155 9.20 -27.26 -0.79
N THR C 156 8.41 -28.23 -1.25
CA THR C 156 8.15 -28.40 -2.67
C THR C 156 6.91 -27.66 -3.15
N GLY C 157 6.20 -26.99 -2.24
CA GLY C 157 5.03 -26.22 -2.61
C GLY C 157 5.12 -24.80 -2.05
N TYR C 158 4.20 -23.96 -2.50
CA TYR C 158 4.19 -22.57 -2.07
C TYR C 158 3.89 -22.48 -0.57
N LEU C 159 4.65 -21.62 0.11
CA LEU C 159 4.46 -21.43 1.54
C LEU C 159 3.23 -20.58 1.79
N SER C 160 2.37 -21.02 2.71
CA SER C 160 1.07 -20.41 2.92
C SER C 160 0.96 -19.61 4.21
N CYS C 161 1.42 -20.14 5.34
CA CYS C 161 1.30 -19.45 6.61
C CYS C 161 2.39 -19.93 7.56
N CYS C 162 3.02 -18.99 8.26
CA CYS C 162 4.04 -19.30 9.25
C CYS C 162 3.78 -18.51 10.53
N ARG C 163 3.85 -19.19 11.66
CA ARG C 163 3.65 -18.58 12.97
C ARG C 163 4.81 -18.96 13.88
N PHE C 164 5.37 -17.97 14.57
CA PHE C 164 6.51 -18.24 15.44
C PHE C 164 6.07 -18.99 16.69
N LEU C 165 7.01 -19.74 17.26
CA LEU C 165 6.81 -20.40 18.54
C LEU C 165 7.73 -19.82 19.61
N ASP C 166 9.04 -19.87 19.37
CA ASP C 166 10.04 -19.19 20.19
C ASP C 166 10.92 -18.35 19.28
N ASP C 167 12.01 -17.81 19.81
CA ASP C 167 13.01 -17.17 18.96
C ASP C 167 13.91 -18.17 18.25
N ASN C 168 13.79 -19.46 18.56
CA ASN C 168 14.62 -20.49 17.96
C ASN C 168 13.83 -21.58 17.25
N GLN C 169 12.49 -21.58 17.35
CA GLN C 169 11.67 -22.60 16.69
C GLN C 169 10.45 -21.95 16.08
N ILE C 170 10.17 -22.31 14.82
CA ILE C 170 9.01 -21.82 14.10
C ILE C 170 8.31 -22.99 13.43
N VAL C 171 7.04 -22.78 13.08
CA VAL C 171 6.23 -23.76 12.37
C VAL C 171 5.71 -23.11 11.09
N THR C 172 5.78 -23.84 9.99
CA THR C 172 5.39 -23.34 8.68
C THR C 172 4.36 -24.24 8.04
N SER C 173 3.50 -23.65 7.22
CA SER C 173 2.48 -24.37 6.47
C SER C 173 2.63 -24.02 5.00
N SER C 174 2.79 -25.04 4.16
CA SER C 174 3.01 -24.87 2.73
C SER C 174 1.93 -25.60 1.95
N GLY C 175 1.98 -25.46 0.63
CA GLY C 175 1.03 -26.10 -0.26
C GLY C 175 1.37 -27.52 -0.65
N ASP C 176 2.44 -28.09 -0.11
CA ASP C 176 2.84 -29.45 -0.42
C ASP C 176 2.27 -30.48 0.55
N THR C 177 1.09 -30.21 1.11
CA THR C 177 0.30 -31.10 1.96
C THR C 177 0.92 -31.34 3.34
N THR C 178 2.09 -30.75 3.63
CA THR C 178 2.80 -31.06 4.86
C THR C 178 3.14 -29.78 5.62
N CYS C 179 2.96 -29.84 6.94
CA CYS C 179 3.43 -28.81 7.86
C CYS C 179 4.75 -29.25 8.49
N ALA C 180 5.61 -28.27 8.77
CA ALA C 180 6.94 -28.56 9.28
C ALA C 180 7.26 -27.66 10.46
N LEU C 181 8.09 -28.16 11.38
CA LEU C 181 8.62 -27.39 12.49
C LEU C 181 10.12 -27.23 12.27
N TRP C 182 10.59 -25.99 12.25
CA TRP C 182 11.95 -25.68 11.83
C TRP C 182 12.84 -25.41 13.04
N ASP C 183 14.07 -24.98 12.76
CA ASP C 183 15.04 -24.62 13.78
C ASP C 183 15.98 -23.59 13.16
N ILE C 184 15.80 -22.32 13.52
CA ILE C 184 16.50 -21.23 12.83
C ILE C 184 18.00 -21.37 13.00
N GLU C 185 18.46 -21.83 14.17
CA GLU C 185 19.89 -21.88 14.44
C GLU C 185 20.61 -22.81 13.45
N THR C 186 20.04 -23.97 13.17
CA THR C 186 20.63 -24.92 12.23
C THR C 186 20.01 -24.83 10.84
N GLY C 187 18.70 -24.60 10.74
CA GLY C 187 18.03 -24.51 9.46
C GLY C 187 17.40 -25.80 8.98
N GLN C 188 17.58 -26.90 9.70
CA GLN C 188 17.05 -28.18 9.29
C GLN C 188 15.67 -28.43 9.88
N GLN C 189 14.85 -29.18 9.16
CA GLN C 189 13.50 -29.51 9.60
C GLN C 189 13.57 -30.46 10.79
N THR C 190 13.29 -29.95 11.99
CA THR C 190 13.30 -30.79 13.18
C THR C 190 12.19 -31.83 13.12
N THR C 191 10.98 -31.42 12.73
CA THR C 191 9.84 -32.32 12.68
C THR C 191 9.03 -32.01 11.42
N THR C 192 8.38 -33.03 10.89
CA THR C 192 7.53 -32.89 9.72
C THR C 192 6.18 -33.55 10.00
N PHE C 193 5.10 -32.86 9.66
CA PHE C 193 3.74 -33.34 9.88
C PHE C 193 3.08 -33.65 8.55
N THR C 194 2.58 -34.89 8.42
CA THR C 194 1.92 -35.33 7.20
C THR C 194 0.56 -35.92 7.55
N GLY C 195 -0.32 -35.99 6.55
CA GLY C 195 -1.63 -36.56 6.75
C GLY C 195 -2.73 -35.88 5.95
N HIS C 196 -2.49 -34.65 5.51
CA HIS C 196 -3.46 -33.96 4.68
C HIS C 196 -3.31 -34.38 3.23
N THR C 197 -4.32 -34.07 2.42
CA THR C 197 -4.37 -34.52 1.04
C THR C 197 -4.02 -33.43 0.03
N GLY C 198 -4.24 -32.16 0.36
CA GLY C 198 -3.88 -31.11 -0.58
C GLY C 198 -3.94 -29.69 -0.06
N ASP C 199 -2.85 -28.95 -0.26
CA ASP C 199 -2.81 -27.49 -0.12
C ASP C 199 -3.27 -27.05 1.28
N VAL C 200 -2.44 -27.39 2.26
CA VAL C 200 -2.65 -26.93 3.63
C VAL C 200 -2.57 -25.41 3.62
N MET C 201 -3.69 -24.74 3.93
CA MET C 201 -3.82 -23.31 3.69
C MET C 201 -3.43 -22.47 4.91
N SER C 202 -4.11 -22.69 6.03
CA SER C 202 -3.95 -21.85 7.21
C SER C 202 -3.23 -22.62 8.32
N LEU C 203 -2.95 -21.90 9.41
CA LEU C 203 -2.25 -22.48 10.55
C LEU C 203 -2.40 -21.54 11.74
N SER C 204 -2.64 -22.13 12.91
CA SER C 204 -2.73 -21.37 14.15
C SER C 204 -2.31 -22.26 15.30
N LEU C 205 -1.67 -21.67 16.30
CA LEU C 205 -1.10 -22.40 17.41
C LEU C 205 -1.72 -21.96 18.73
N ALA C 206 -1.77 -22.89 19.69
CA ALA C 206 -2.40 -22.64 20.97
C ALA C 206 -1.58 -21.64 21.80
N PRO C 207 -2.23 -20.96 22.73
CA PRO C 207 -1.48 -20.00 23.58
C PRO C 207 -0.35 -20.64 24.37
N ASP C 208 -0.49 -21.90 24.77
CA ASP C 208 0.55 -22.57 25.54
C ASP C 208 1.65 -23.16 24.67
N THR C 209 1.55 -23.00 23.35
CA THR C 209 2.62 -23.38 22.41
C THR C 209 2.99 -24.85 22.54
N ARG C 210 1.98 -25.71 22.68
CA ARG C 210 2.19 -27.16 22.65
C ARG C 210 1.37 -27.88 21.59
N LEU C 211 0.27 -27.30 21.12
CA LEU C 211 -0.53 -27.87 20.05
C LEU C 211 -0.89 -26.80 19.05
N PHE C 212 -1.11 -27.21 17.81
CA PHE C 212 -1.53 -26.28 16.76
C PHE C 212 -2.45 -27.00 15.80
N VAL C 213 -3.26 -26.22 15.09
CA VAL C 213 -4.21 -26.73 14.12
C VAL C 213 -3.98 -26.03 12.79
N SER C 214 -4.41 -26.70 11.72
CA SER C 214 -4.22 -26.16 10.37
C SER C 214 -5.37 -26.63 9.49
N GLY C 215 -5.76 -25.77 8.55
CA GLY C 215 -6.81 -26.07 7.62
C GLY C 215 -6.26 -26.42 6.25
N ALA C 216 -6.90 -27.38 5.59
CA ALA C 216 -6.47 -27.87 4.29
C ALA C 216 -7.51 -27.56 3.23
N CYS C 217 -7.07 -27.58 1.97
CA CYS C 217 -7.96 -27.30 0.84
C CYS C 217 -9.01 -28.39 0.65
N ASP C 218 -8.87 -29.55 1.30
CA ASP C 218 -9.86 -30.61 1.22
C ASP C 218 -10.95 -30.48 2.27
N ALA C 219 -11.05 -29.34 2.94
CA ALA C 219 -12.09 -29.05 3.92
C ALA C 219 -12.07 -30.05 5.07
N SER C 220 -10.92 -30.09 5.76
CA SER C 220 -10.76 -30.95 6.93
C SER C 220 -9.62 -30.41 7.76
N ALA C 221 -9.93 -29.91 8.95
CA ALA C 221 -8.91 -29.41 9.87
C ALA C 221 -8.39 -30.54 10.75
N LYS C 222 -7.10 -30.44 11.09
CA LYS C 222 -6.44 -31.46 11.91
C LYS C 222 -5.67 -30.77 13.03
N LEU C 223 -5.53 -31.48 14.14
CA LEU C 223 -4.79 -31.01 15.31
C LEU C 223 -3.50 -31.81 15.45
N TRP C 224 -2.37 -31.11 15.44
CA TRP C 224 -1.06 -31.75 15.54
C TRP C 224 -0.41 -31.40 16.87
N ASP C 225 0.11 -32.42 17.55
CA ASP C 225 0.96 -32.19 18.70
C ASP C 225 2.33 -31.74 18.24
N VAL C 226 3.03 -31.01 19.12
CA VAL C 226 4.33 -30.45 18.78
C VAL C 226 5.47 -31.36 19.23
N ARG C 227 5.47 -31.77 20.50
CA ARG C 227 6.54 -32.62 20.99
C ARG C 227 6.48 -34.01 20.37
N GLU C 228 5.29 -34.60 20.31
CA GLU C 228 5.15 -35.94 19.72
C GLU C 228 5.43 -35.91 18.21
N GLY C 229 4.95 -34.87 17.53
CA GLY C 229 5.13 -34.79 16.09
C GLY C 229 4.16 -35.63 15.29
N MET C 230 3.09 -36.11 15.92
CA MET C 230 2.10 -36.93 15.25
C MET C 230 0.71 -36.32 15.42
N CYS C 231 -0.12 -36.48 14.39
CA CYS C 231 -1.45 -35.89 14.42
C CYS C 231 -2.29 -36.52 15.52
N ARG C 232 -3.10 -35.68 16.18
CA ARG C 232 -3.91 -36.12 17.31
C ARG C 232 -5.39 -36.22 17.02
N GLN C 233 -5.92 -35.38 16.13
CA GLN C 233 -7.35 -35.36 15.89
C GLN C 233 -7.63 -34.63 14.58
N THR C 234 -8.75 -34.99 13.94
CA THR C 234 -9.20 -34.35 12.71
C THR C 234 -10.62 -33.87 12.88
N PHE C 235 -10.99 -32.88 12.07
CA PHE C 235 -12.34 -32.31 12.09
C PHE C 235 -12.83 -32.12 10.68
N THR C 236 -14.11 -32.47 10.45
CA THR C 236 -14.73 -32.37 9.14
C THR C 236 -16.13 -31.77 9.30
N GLY C 237 -16.73 -31.41 8.17
CA GLY C 237 -18.06 -30.83 8.18
C GLY C 237 -18.24 -29.74 7.15
N HIS C 238 -17.13 -29.25 6.60
CA HIS C 238 -17.18 -28.19 5.60
C HIS C 238 -17.65 -28.73 4.26
N GLU C 239 -17.65 -27.87 3.26
CA GLU C 239 -18.10 -28.30 1.93
C GLU C 239 -17.08 -27.99 0.83
N SER C 240 -16.41 -26.84 0.88
CA SER C 240 -15.55 -26.43 -0.22
C SER C 240 -14.08 -26.37 0.16
N ASP C 241 -13.70 -25.52 1.12
CA ASP C 241 -12.29 -25.24 1.37
C ASP C 241 -12.15 -24.71 2.79
N ILE C 242 -10.90 -24.37 3.14
CA ILE C 242 -10.58 -23.68 4.38
C ILE C 242 -9.58 -22.57 4.06
N ASN C 243 -10.07 -21.34 3.95
CA ASN C 243 -9.20 -20.23 3.58
C ASN C 243 -8.36 -19.72 4.75
N ALA C 244 -8.92 -19.74 5.96
CA ALA C 244 -8.20 -19.23 7.13
C ALA C 244 -8.80 -19.84 8.38
N ILE C 245 -7.98 -19.92 9.43
CA ILE C 245 -8.38 -20.52 10.70
C ILE C 245 -7.91 -19.61 11.84
N CYS C 246 -8.59 -19.73 12.98
CA CYS C 246 -8.19 -19.06 14.20
C CYS C 246 -8.19 -20.06 15.35
N PHE C 247 -8.01 -19.59 16.58
CA PHE C 247 -7.99 -20.50 17.72
C PHE C 247 -8.51 -19.74 18.94
N PHE C 248 -9.45 -20.36 19.65
CA PHE C 248 -10.12 -19.69 20.75
C PHE C 248 -9.13 -19.32 21.84
N PRO C 249 -9.29 -18.16 22.49
CA PRO C 249 -8.34 -17.78 23.56
C PRO C 249 -8.29 -18.75 24.72
N ASP C 250 -9.41 -19.43 25.02
CA ASP C 250 -9.42 -20.38 26.12
C ASP C 250 -8.47 -21.55 25.85
N GLY C 251 -8.43 -22.01 24.61
CA GLY C 251 -7.58 -23.12 24.24
C GLY C 251 -8.28 -24.46 24.06
N ASN C 252 -9.62 -24.49 24.14
CA ASN C 252 -10.37 -25.72 23.97
C ASN C 252 -11.26 -25.70 22.73
N ALA C 253 -11.13 -24.69 21.87
CA ALA C 253 -11.95 -24.59 20.67
C ALA C 253 -11.21 -23.73 19.66
N PHE C 254 -11.78 -23.65 18.46
CA PHE C 254 -11.25 -22.78 17.42
C PHE C 254 -12.36 -22.47 16.42
N ALA C 255 -12.14 -21.43 15.63
CA ALA C 255 -13.07 -21.01 14.60
C ALA C 255 -12.37 -21.08 13.25
N THR C 256 -13.05 -21.66 12.26
CA THR C 256 -12.46 -21.93 10.96
C THR C 256 -13.28 -21.24 9.88
N GLY C 257 -12.58 -20.62 8.92
CA GLY C 257 -13.25 -19.91 7.86
C GLY C 257 -13.31 -20.68 6.55
N SER C 258 -14.51 -21.11 6.17
CA SER C 258 -14.69 -21.91 4.96
C SER C 258 -14.70 -21.01 3.73
N ASP C 259 -15.07 -21.56 2.58
CA ASP C 259 -15.13 -20.83 1.32
C ASP C 259 -16.55 -20.72 0.80
N ASP C 260 -17.56 -21.05 1.60
CA ASP C 260 -18.96 -20.99 1.18
C ASP C 260 -19.79 -20.22 2.19
N ALA C 261 -19.24 -19.12 2.71
CA ALA C 261 -19.96 -18.24 3.63
C ALA C 261 -20.46 -18.98 4.87
N THR C 262 -19.64 -19.90 5.39
CA THR C 262 -20.00 -20.71 6.55
C THR C 262 -18.82 -20.76 7.52
N CYS C 263 -18.80 -19.82 8.46
CA CYS C 263 -17.85 -19.91 9.57
C CYS C 263 -18.33 -20.95 10.57
N ARG C 264 -17.41 -21.78 11.05
CA ARG C 264 -17.74 -22.87 11.94
C ARG C 264 -16.89 -22.80 13.20
N LEU C 265 -17.49 -23.09 14.34
CA LEU C 265 -16.79 -23.17 15.62
C LEU C 265 -16.77 -24.62 16.08
N PHE C 266 -15.58 -25.22 16.10
CA PHE C 266 -15.42 -26.60 16.47
C PHE C 266 -15.06 -26.71 17.96
N ASP C 267 -14.76 -27.91 18.42
CA ASP C 267 -14.47 -28.14 19.83
C ASP C 267 -13.44 -29.25 19.96
N LEU C 268 -12.70 -29.20 21.07
CA LEU C 268 -11.64 -30.18 21.34
C LEU C 268 -12.08 -31.27 22.31
N ARG C 269 -12.64 -30.88 23.45
CA ARG C 269 -13.08 -31.87 24.43
C ARG C 269 -14.30 -32.65 23.90
N ALA C 270 -15.30 -31.93 23.39
CA ALA C 270 -16.48 -32.60 22.84
C ALA C 270 -16.20 -33.27 21.51
N ASP C 271 -15.17 -32.82 20.78
CA ASP C 271 -14.73 -33.44 19.54
C ASP C 271 -15.83 -33.43 18.48
N GLN C 272 -16.60 -32.33 18.44
CA GLN C 272 -17.72 -32.20 17.51
C GLN C 272 -17.85 -30.77 17.05
N GLU C 273 -18.53 -30.60 15.92
CA GLU C 273 -18.92 -29.27 15.47
C GLU C 273 -19.98 -28.71 16.41
N LEU C 274 -19.81 -27.45 16.82
CA LEU C 274 -20.70 -26.86 17.81
C LEU C 274 -21.77 -25.97 17.18
N MET C 275 -21.36 -24.97 16.40
CA MET C 275 -22.29 -23.99 15.88
C MET C 275 -21.74 -23.43 14.58
N THR C 276 -22.66 -22.96 13.73
CA THR C 276 -22.31 -22.40 12.42
C THR C 276 -22.80 -20.97 12.34
N TYR C 277 -22.13 -20.18 11.50
CA TYR C 277 -22.44 -18.76 11.31
C TYR C 277 -22.65 -18.52 9.82
N SER C 278 -23.88 -18.65 9.35
CA SER C 278 -24.22 -18.50 7.95
C SER C 278 -25.41 -17.58 7.78
N HIS C 279 -25.46 -16.90 6.63
CA HIS C 279 -26.56 -16.01 6.29
C HIS C 279 -26.93 -16.22 4.83
N ASP C 280 -28.18 -15.90 4.50
CA ASP C 280 -28.64 -16.09 3.13
C ASP C 280 -28.09 -15.02 2.19
N ASN C 281 -27.94 -13.79 2.69
CA ASN C 281 -27.42 -12.71 1.86
C ASN C 281 -25.97 -12.97 1.45
N ILE C 282 -25.15 -13.43 2.38
CA ILE C 282 -23.74 -13.67 2.09
C ILE C 282 -23.60 -14.91 1.22
N ILE C 283 -22.78 -14.80 0.17
CA ILE C 283 -22.57 -15.90 -0.76
C ILE C 283 -21.07 -16.08 -1.01
N CYS C 284 -20.27 -15.11 -0.61
CA CYS C 284 -18.83 -15.14 -0.87
C CYS C 284 -18.15 -16.04 0.16
N GLY C 285 -16.82 -16.00 0.18
CA GLY C 285 -16.04 -16.86 1.06
C GLY C 285 -15.23 -16.05 2.06
N ILE C 286 -15.13 -16.56 3.28
CA ILE C 286 -14.37 -15.89 4.33
C ILE C 286 -12.88 -15.95 4.00
N THR C 287 -12.19 -14.83 4.23
CA THR C 287 -10.76 -14.74 3.98
C THR C 287 -9.92 -14.76 5.25
N SER C 288 -10.46 -14.29 6.37
CA SER C 288 -9.73 -14.31 7.62
C SER C 288 -10.71 -14.38 8.78
N VAL C 289 -10.24 -14.94 9.89
CA VAL C 289 -11.05 -15.10 11.10
C VAL C 289 -10.19 -14.80 12.31
N SER C 290 -10.74 -14.06 13.27
CA SER C 290 -10.04 -13.73 14.50
C SER C 290 -11.06 -13.58 15.62
N PHE C 291 -10.57 -13.63 16.85
CA PHE C 291 -11.39 -13.52 18.05
C PHE C 291 -11.06 -12.25 18.81
N SER C 292 -11.83 -12.00 19.87
CA SER C 292 -11.59 -10.90 20.78
C SER C 292 -10.92 -11.42 22.05
N LYS C 293 -10.56 -10.49 22.94
CA LYS C 293 -9.90 -10.89 24.19
C LYS C 293 -10.82 -11.73 25.06
N SER C 294 -12.09 -11.34 25.18
CA SER C 294 -13.04 -12.12 25.98
C SER C 294 -13.52 -13.35 25.24
N GLY C 295 -13.66 -13.28 23.92
CA GLY C 295 -14.16 -14.38 23.12
C GLY C 295 -15.62 -14.27 22.74
N ARG C 296 -16.29 -13.17 23.09
CA ARG C 296 -17.70 -13.00 22.75
C ARG C 296 -17.89 -12.67 21.28
N LEU C 297 -17.00 -11.90 20.68
CA LEU C 297 -17.11 -11.47 19.29
C LEU C 297 -16.25 -12.35 18.41
N LEU C 298 -16.85 -12.86 17.34
CA LEU C 298 -16.14 -13.64 16.33
C LEU C 298 -16.08 -12.81 15.06
N LEU C 299 -14.90 -12.25 14.78
CA LEU C 299 -14.70 -11.38 13.62
C LEU C 299 -14.29 -12.22 12.42
N ALA C 300 -14.84 -11.89 11.26
CA ALA C 300 -14.55 -12.58 10.02
C ALA C 300 -14.35 -11.58 8.90
N GLY C 301 -13.45 -11.91 7.97
CA GLY C 301 -13.21 -11.08 6.81
C GLY C 301 -13.73 -11.70 5.54
N TYR C 302 -14.79 -11.14 4.97
CA TYR C 302 -15.46 -11.74 3.84
C TYR C 302 -14.87 -11.24 2.52
N ASP C 303 -15.06 -12.05 1.48
CA ASP C 303 -14.68 -11.67 0.13
C ASP C 303 -15.61 -10.61 -0.45
N ASP C 304 -16.75 -10.35 0.19
CA ASP C 304 -17.75 -9.43 -0.34
C ASP C 304 -17.48 -7.99 0.11
N PHE C 305 -16.25 -7.53 -0.14
CA PHE C 305 -15.89 -6.12 -0.05
C PHE C 305 -15.91 -5.56 1.36
N ASN C 306 -16.27 -6.37 2.36
CA ASN C 306 -16.40 -5.85 3.71
C ASN C 306 -16.21 -6.97 4.73
N CYS C 307 -15.96 -6.57 5.97
CA CYS C 307 -15.81 -7.49 7.09
C CYS C 307 -17.15 -7.71 7.78
N ASN C 308 -17.11 -8.42 8.91
CA ASN C 308 -18.32 -8.70 9.68
C ASN C 308 -17.91 -9.08 11.09
N VAL C 309 -18.87 -8.97 12.00
CA VAL C 309 -18.70 -9.41 13.39
C VAL C 309 -19.88 -10.29 13.77
N TRP C 310 -19.60 -11.39 14.47
CA TRP C 310 -20.62 -12.35 14.87
C TRP C 310 -20.56 -12.59 16.36
N ASP C 311 -21.72 -12.82 16.95
CA ASP C 311 -21.82 -13.22 18.35
C ASP C 311 -21.43 -14.70 18.45
N ALA C 312 -20.40 -14.99 19.25
CA ALA C 312 -19.89 -16.35 19.35
C ALA C 312 -20.91 -17.30 19.98
N LEU C 313 -21.95 -16.77 20.63
CA LEU C 313 -22.99 -17.58 21.25
C LEU C 313 -24.33 -17.44 20.56
N LYS C 314 -24.76 -16.21 20.26
CA LYS C 314 -26.05 -16.00 19.63
C LYS C 314 -26.03 -16.39 18.16
N ALA C 315 -24.86 -16.31 17.51
CA ALA C 315 -24.71 -16.61 16.09
C ALA C 315 -25.61 -15.72 15.22
N ASP C 316 -25.58 -14.43 15.52
CA ASP C 316 -26.30 -13.44 14.73
C ASP C 316 -25.38 -12.25 14.46
N ARG C 317 -25.62 -11.61 13.32
CA ARG C 317 -24.81 -10.45 12.95
C ARG C 317 -25.02 -9.32 13.96
N ALA C 318 -23.93 -8.59 14.25
CA ALA C 318 -24.01 -7.50 15.20
C ALA C 318 -23.25 -6.26 14.72
N GLY C 319 -23.11 -6.09 13.41
CA GLY C 319 -22.40 -4.94 12.87
C GLY C 319 -21.68 -5.24 11.58
N VAL C 320 -21.70 -4.29 10.65
CA VAL C 320 -21.02 -4.42 9.37
C VAL C 320 -19.91 -3.38 9.33
N LEU C 321 -18.67 -3.85 9.22
CA LEU C 321 -17.49 -2.98 9.28
C LEU C 321 -16.99 -2.68 7.86
N ALA C 322 -17.82 -1.98 7.10
CA ALA C 322 -17.46 -1.61 5.74
C ALA C 322 -16.44 -0.47 5.75
N GLY C 323 -16.06 -0.03 4.55
CA GLY C 323 -15.09 1.04 4.43
C GLY C 323 -13.94 0.68 3.51
N HIS C 324 -13.99 -0.49 2.90
CA HIS C 324 -12.95 -0.97 2.01
C HIS C 324 -13.48 -1.01 0.58
N ASP C 325 -12.59 -0.75 -0.37
CA ASP C 325 -12.92 -0.74 -1.78
C ASP C 325 -12.57 -2.03 -2.49
N ASN C 326 -12.13 -3.06 -1.76
CA ASN C 326 -11.81 -4.36 -2.34
C ASN C 326 -11.82 -5.39 -1.24
N ARG C 327 -11.58 -6.65 -1.61
CA ARG C 327 -11.70 -7.75 -0.65
C ARG C 327 -10.61 -7.65 0.41
N VAL C 328 -11.01 -7.91 1.66
CA VAL C 328 -10.05 -7.96 2.75
C VAL C 328 -9.30 -9.28 2.70
N SER C 329 -7.99 -9.22 2.94
CA SER C 329 -7.15 -10.41 2.86
C SER C 329 -6.50 -10.80 4.17
N CYS C 330 -6.62 -9.98 5.22
CA CYS C 330 -6.02 -10.29 6.50
C CYS C 330 -6.72 -9.49 7.59
N LEU C 331 -6.86 -10.10 8.76
CA LEU C 331 -7.53 -9.49 9.90
C LEU C 331 -6.86 -9.95 11.17
N GLY C 332 -6.72 -9.04 12.12
CA GLY C 332 -6.04 -9.35 13.37
C GLY C 332 -6.53 -8.49 14.50
N VAL C 333 -6.46 -9.04 15.71
CA VAL C 333 -6.87 -8.35 16.93
C VAL C 333 -5.68 -8.32 17.89
N THR C 334 -5.42 -7.17 18.48
CA THR C 334 -4.26 -7.00 19.34
C THR C 334 -4.34 -7.91 20.56
N ASP C 335 -3.20 -8.02 21.26
CA ASP C 335 -3.14 -8.86 22.45
C ASP C 335 -4.02 -8.32 23.57
N ASP C 336 -4.07 -7.00 23.72
CA ASP C 336 -4.88 -6.38 24.76
C ASP C 336 -6.33 -6.14 24.33
N GLY C 337 -6.68 -6.52 23.11
CA GLY C 337 -8.06 -6.37 22.66
C GLY C 337 -8.51 -4.92 22.57
N MET C 338 -7.61 -4.02 22.16
CA MET C 338 -7.92 -2.61 22.10
C MET C 338 -8.38 -2.17 20.71
N ALA C 339 -7.79 -2.73 19.65
CA ALA C 339 -8.09 -2.31 18.30
C ALA C 339 -8.25 -3.53 17.40
N VAL C 340 -8.77 -3.29 16.21
CA VAL C 340 -8.92 -4.31 15.17
C VAL C 340 -8.41 -3.73 13.87
N ALA C 341 -7.46 -4.41 13.24
CA ALA C 341 -6.84 -3.94 12.02
C ALA C 341 -7.10 -4.92 10.89
N THR C 342 -7.55 -4.40 9.75
CA THR C 342 -7.88 -5.21 8.58
C THR C 342 -7.09 -4.72 7.38
N GLY C 343 -6.60 -5.65 6.58
CA GLY C 343 -5.89 -5.34 5.35
C GLY C 343 -6.61 -5.92 4.16
N SER C 344 -6.65 -5.16 3.07
CA SER C 344 -7.41 -5.53 1.89
C SER C 344 -6.57 -5.34 0.64
N TRP C 345 -7.09 -5.84 -0.48
CA TRP C 345 -6.45 -5.62 -1.78
C TRP C 345 -6.58 -4.18 -2.24
N ASP C 346 -7.36 -3.36 -1.54
CA ASP C 346 -7.43 -1.94 -1.83
C ASP C 346 -6.08 -1.27 -1.66
N SER C 347 -5.16 -1.91 -0.94
CA SER C 347 -3.80 -1.46 -0.60
C SER C 347 -3.81 -0.43 0.53
N PHE C 348 -4.92 -0.25 1.22
CA PHE C 348 -5.01 0.64 2.36
C PHE C 348 -5.22 -0.18 3.61
N LEU C 349 -4.38 0.03 4.62
CA LEU C 349 -4.45 -0.69 5.87
C LEU C 349 -5.15 0.18 6.91
N LYS C 350 -6.20 -0.36 7.53
CA LYS C 350 -7.04 0.38 8.46
C LYS C 350 -7.02 -0.26 9.83
N ILE C 351 -7.01 0.57 10.87
CA ILE C 351 -7.11 0.12 12.26
C ILE C 351 -8.39 0.70 12.85
N TRP C 352 -9.22 -0.16 13.41
CA TRP C 352 -10.52 0.23 13.93
C TRP C 352 -10.55 0.04 15.44
N ASN C 353 -11.58 0.60 16.07
CA ASN C 353 -11.72 0.53 17.53
C ASN C 353 -13.13 0.10 17.92
N ILE D 8 -1.35 -51.67 -0.09
CA ILE D 8 -0.21 -50.77 0.05
C ILE D 8 -0.02 -50.40 1.51
N ALA D 9 1.22 -50.14 1.91
CA ALA D 9 1.52 -49.84 3.31
C ALA D 9 0.88 -48.53 3.75
N GLN D 10 0.59 -47.62 2.82
CA GLN D 10 -0.03 -46.36 3.20
C GLN D 10 -1.44 -46.57 3.73
N ALA D 11 -2.15 -47.58 3.19
CA ALA D 11 -3.47 -47.92 3.72
C ALA D 11 -3.36 -48.42 5.16
N ARG D 12 -2.37 -49.24 5.45
CA ARG D 12 -2.17 -49.72 6.81
C ARG D 12 -1.80 -48.57 7.74
N LYS D 13 -0.98 -47.64 7.27
CA LYS D 13 -0.64 -46.47 8.08
C LYS D 13 -1.87 -45.63 8.38
N LEU D 14 -2.73 -45.43 7.37
CA LEU D 14 -3.96 -44.68 7.58
C LEU D 14 -4.90 -45.40 8.55
N VAL D 15 -4.97 -46.72 8.45
CA VAL D 15 -5.79 -47.49 9.38
C VAL D 15 -5.27 -47.34 10.80
N GLN D 16 -3.95 -47.40 10.97
CA GLN D 16 -3.35 -47.23 12.29
C GLN D 16 -3.65 -45.83 12.83
N GLN D 17 -3.53 -44.80 12.00
CA GLN D 17 -3.84 -43.45 12.43
C GLN D 17 -5.31 -43.33 12.84
N LEU D 18 -6.21 -43.93 12.07
CA LEU D 18 -7.63 -43.87 12.40
C LEU D 18 -7.93 -44.56 13.72
N LYS D 19 -7.32 -45.72 13.95
CA LYS D 19 -7.61 -46.44 15.18
C LYS D 19 -6.96 -45.77 16.39
N MET D 20 -5.84 -45.07 16.19
CA MET D 20 -5.31 -44.23 17.26
C MET D 20 -6.23 -43.06 17.54
N GLU D 21 -6.79 -42.46 16.50
CA GLU D 21 -7.73 -41.35 16.65
C GLU D 21 -8.98 -41.78 17.41
N ALA D 22 -9.52 -42.97 17.11
CA ALA D 22 -10.79 -43.41 17.65
C ALA D 22 -10.66 -44.02 19.05
N ASN D 23 -9.59 -43.72 19.76
CA ASN D 23 -9.38 -44.28 21.10
C ASN D 23 -9.04 -43.20 22.11
N ILE D 24 -9.80 -42.11 22.10
CA ILE D 24 -9.59 -41.00 23.02
C ILE D 24 -10.87 -40.75 23.80
N ASP D 25 -10.74 -40.00 24.89
CA ASP D 25 -11.86 -39.74 25.77
C ASP D 25 -12.86 -38.79 25.13
N ARG D 26 -14.08 -38.77 25.67
CA ARG D 26 -15.15 -37.92 25.20
C ARG D 26 -15.77 -37.19 26.39
N ILE D 27 -16.25 -35.97 26.12
CA ILE D 27 -16.86 -35.11 27.13
C ILE D 27 -18.20 -34.63 26.59
N LYS D 28 -19.22 -34.65 27.45
CA LYS D 28 -20.54 -34.20 27.05
C LYS D 28 -20.50 -32.74 26.59
N VAL D 29 -21.27 -32.44 25.54
CA VAL D 29 -21.25 -31.11 24.95
C VAL D 29 -21.74 -30.07 25.94
N SER D 30 -22.63 -30.45 26.86
CA SER D 30 -23.15 -29.50 27.83
C SER D 30 -22.02 -28.95 28.71
N LYS D 31 -21.09 -29.81 29.13
CA LYS D 31 -19.98 -29.35 29.96
C LYS D 31 -19.10 -28.35 29.21
N ALA D 32 -18.80 -28.65 27.94
CA ALA D 32 -17.98 -27.73 27.15
C ALA D 32 -18.68 -26.40 26.93
N ALA D 33 -19.99 -26.44 26.65
CA ALA D 33 -20.75 -25.22 26.46
C ALA D 33 -20.77 -24.39 27.74
N ALA D 34 -20.95 -25.05 28.89
CA ALA D 34 -20.94 -24.33 30.17
C ALA D 34 -19.57 -23.72 30.43
N ASP D 35 -18.49 -24.45 30.11
CA ASP D 35 -17.15 -23.91 30.29
C ASP D 35 -16.93 -22.68 29.41
N LEU D 36 -17.35 -22.76 28.15
CA LEU D 36 -17.21 -21.62 27.25
C LEU D 36 -18.01 -20.42 27.73
N MET D 37 -19.25 -20.65 28.18
CA MET D 37 -20.07 -19.55 28.67
C MET D 37 -19.46 -18.92 29.91
N ALA D 38 -18.94 -19.75 30.83
CA ALA D 38 -18.31 -19.22 32.04
C ALA D 38 -17.07 -18.41 31.70
N TYR D 39 -16.24 -18.90 30.78
CA TYR D 39 -15.05 -18.14 30.38
C TYR D 39 -15.43 -16.82 29.72
N CYS D 40 -16.45 -16.84 28.86
CA CYS D 40 -16.85 -15.61 28.17
C CYS D 40 -17.45 -14.60 29.15
N GLU D 41 -18.23 -15.07 30.12
CA GLU D 41 -18.89 -14.15 31.04
C GLU D 41 -17.90 -13.56 32.03
N ALA D 42 -17.00 -14.39 32.58
CA ALA D 42 -16.10 -13.93 33.63
C ALA D 42 -15.15 -12.85 33.12
N HIS D 43 -14.64 -13.01 31.90
CA HIS D 43 -13.68 -12.08 31.33
C HIS D 43 -14.34 -11.05 30.41
N ALA D 44 -15.66 -10.90 30.49
CA ALA D 44 -16.35 -9.93 29.65
C ALA D 44 -16.06 -8.49 30.05
N LYS D 45 -15.57 -8.26 31.27
CA LYS D 45 -15.29 -6.89 31.72
C LYS D 45 -14.00 -6.36 31.11
N GLU D 46 -13.05 -7.23 30.78
CA GLU D 46 -11.77 -6.82 30.20
C GLU D 46 -11.77 -6.83 28.68
N ASP D 47 -12.93 -6.59 28.05
CA ASP D 47 -13.03 -6.59 26.60
C ASP D 47 -13.38 -5.20 26.10
N PRO D 48 -12.40 -4.39 25.69
CA PRO D 48 -12.74 -3.06 25.16
C PRO D 48 -13.59 -3.09 23.90
N LEU D 49 -13.57 -4.20 23.16
CA LEU D 49 -14.41 -4.31 21.97
C LEU D 49 -15.88 -4.56 22.35
N LEU D 50 -16.11 -5.40 23.35
CA LEU D 50 -17.49 -5.68 23.76
C LEU D 50 -18.12 -4.48 24.45
N THR D 51 -17.39 -3.86 25.38
CA THR D 51 -17.89 -2.72 26.14
C THR D 51 -17.22 -1.45 25.66
N PRO D 52 -17.99 -0.46 25.20
CA PRO D 52 -17.37 0.78 24.73
C PRO D 52 -16.56 1.45 25.83
N VAL D 53 -15.42 2.03 25.43
CA VAL D 53 -14.48 2.61 26.39
C VAL D 53 -14.42 4.12 26.19
N PRO D 54 -14.41 4.91 27.26
CA PRO D 54 -14.30 6.36 27.10
C PRO D 54 -12.98 6.75 26.45
N ALA D 55 -13.02 7.86 25.71
CA ALA D 55 -11.86 8.33 24.97
C ALA D 55 -10.73 8.83 25.87
N SER D 56 -10.98 8.99 27.17
CA SER D 56 -9.94 9.46 28.08
C SER D 56 -8.78 8.47 28.15
N GLN D 57 -9.09 7.17 28.22
CA GLN D 57 -8.08 6.13 28.29
C GLN D 57 -7.94 5.36 26.98
N ASN D 58 -8.61 5.80 25.92
CA ASN D 58 -8.51 5.14 24.62
C ASN D 58 -7.21 5.56 23.95
N PRO D 59 -6.30 4.63 23.65
CA PRO D 59 -5.03 5.02 23.00
C PRO D 59 -5.22 5.63 21.62
N PHE D 60 -6.31 5.34 20.93
CA PHE D 60 -6.58 5.89 19.61
C PHE D 60 -7.61 7.00 19.72
N ARG D 61 -7.31 8.15 19.12
CA ARG D 61 -8.21 9.30 19.17
C ARG D 61 -8.33 9.96 17.81
N VAL E 69 31.22 -0.05 13.06
CA VAL E 69 31.01 0.23 14.48
C VAL E 69 32.24 0.90 15.06
N GLN E 70 32.99 1.58 14.21
CA GLN E 70 34.21 2.28 14.63
C GLN E 70 34.15 3.71 14.13
N LEU E 71 34.37 4.66 15.04
CA LEU E 71 34.37 6.07 14.72
C LEU E 71 35.80 6.61 14.87
N VAL E 72 36.35 7.12 13.78
CA VAL E 72 37.71 7.67 13.76
C VAL E 72 37.64 9.12 13.28
N GLU E 73 38.30 9.99 14.02
CA GLU E 73 38.28 11.41 13.72
C GLU E 73 39.69 11.97 13.79
N SER E 74 39.91 13.06 13.04
CA SER E 74 41.21 13.72 13.00
C SER E 74 41.01 15.17 12.60
N GLY E 75 42.05 15.97 12.84
CA GLY E 75 42.01 17.37 12.49
C GLY E 75 42.33 18.29 13.64
N GLY E 76 42.65 17.71 14.79
CA GLY E 76 42.97 18.49 15.97
C GLY E 76 44.42 18.97 15.97
N GLY E 77 44.65 20.07 16.69
CA GLY E 77 45.99 20.62 16.79
C GLY E 77 45.95 21.95 17.50
N LEU E 78 47.12 22.59 17.55
CA LEU E 78 47.30 23.88 18.17
C LEU E 78 47.33 24.96 17.11
N VAL E 79 46.45 25.95 17.23
CA VAL E 79 46.33 27.03 16.26
C VAL E 79 46.27 28.36 16.99
N GLN E 80 46.64 29.42 16.27
CA GLN E 80 46.56 30.75 16.82
C GLN E 80 45.11 31.19 16.95
N PRO E 81 44.77 31.96 17.99
CA PRO E 81 43.41 32.47 18.12
C PRO E 81 43.00 33.31 16.92
N GLY E 82 41.73 33.20 16.55
CA GLY E 82 41.21 33.91 15.41
C GLY E 82 41.24 33.15 14.10
N GLY E 83 41.86 31.97 14.07
CA GLY E 83 41.97 31.19 12.85
C GLY E 83 40.79 30.26 12.64
N SER E 84 40.98 29.31 11.74
CA SER E 84 39.97 28.32 11.40
C SER E 84 40.60 26.94 11.33
N ARG E 85 39.78 25.91 11.48
CA ARG E 85 40.27 24.54 11.50
C ARG E 85 39.21 23.60 10.96
N LYS E 86 39.64 22.41 10.55
CA LYS E 86 38.79 21.39 9.97
C LYS E 86 38.88 20.12 10.79
N LEU E 87 37.73 19.59 11.20
CA LEU E 87 37.63 18.30 11.87
C LEU E 87 36.75 17.37 11.05
N SER E 88 37.23 16.16 10.83
CA SER E 88 36.53 15.17 10.01
C SER E 88 36.30 13.91 10.84
N CYS E 89 35.07 13.41 10.82
CA CYS E 89 34.70 12.18 11.52
C CYS E 89 34.45 11.10 10.49
N SER E 90 35.23 10.03 10.56
CA SER E 90 35.14 8.92 9.62
C SER E 90 34.42 7.75 10.29
N ALA E 91 33.35 7.28 9.65
CA ALA E 91 32.53 6.20 10.18
C ALA E 91 32.57 5.01 9.21
N SER E 92 32.91 3.84 9.73
CA SER E 92 32.98 2.62 8.95
C SER E 92 32.44 1.46 9.76
N GLY E 93 31.64 0.60 9.12
CA GLY E 93 31.11 -0.59 9.76
C GLY E 93 29.63 -0.57 10.02
N PHE E 94 28.91 0.47 9.61
CA PHE E 94 27.47 0.53 9.81
C PHE E 94 26.85 1.44 8.76
N ALA E 95 25.53 1.41 8.68
CA ALA E 95 24.77 2.21 7.71
C ALA E 95 24.78 3.67 8.17
N PHE E 96 25.88 4.36 7.86
CA PHE E 96 26.05 5.75 8.27
C PHE E 96 25.02 6.67 7.63
N SER E 97 24.38 6.24 6.54
CA SER E 97 23.39 7.05 5.85
C SER E 97 22.02 7.03 6.53
N SER E 98 21.93 6.50 7.76
CA SER E 98 20.66 6.47 8.47
C SER E 98 20.80 6.83 9.94
N PHE E 99 21.94 7.35 10.38
CA PHE E 99 22.18 7.69 11.77
C PHE E 99 22.37 9.20 11.91
N GLY E 100 21.54 9.82 12.75
CA GLY E 100 21.80 11.19 13.12
C GLY E 100 23.09 11.32 13.91
N MET E 101 23.83 12.39 13.63
CA MET E 101 25.15 12.58 14.21
C MET E 101 25.19 13.85 15.05
N HIS E 102 25.91 13.79 16.16
CA HIS E 102 26.08 14.92 17.06
C HIS E 102 27.57 15.17 17.27
N TRP E 103 27.89 16.34 17.82
CA TRP E 103 29.22 16.64 18.31
C TRP E 103 29.12 17.03 19.79
N VAL E 104 29.98 16.42 20.60
CA VAL E 104 29.98 16.65 22.05
C VAL E 104 31.36 17.14 22.45
N ARG E 105 31.39 18.23 23.23
CA ARG E 105 32.63 18.89 23.60
C ARG E 105 32.87 18.72 25.11
N GLN E 106 34.12 18.39 25.47
CA GLN E 106 34.50 18.19 26.86
C GLN E 106 35.67 19.10 27.18
N ALA E 107 35.42 20.10 28.02
CA ALA E 107 36.50 20.96 28.49
C ALA E 107 37.47 20.15 29.36
N PRO E 108 38.75 20.49 29.34
CA PRO E 108 39.71 19.75 30.17
C PRO E 108 39.32 19.82 31.64
N GLU E 109 39.41 18.66 32.30
CA GLU E 109 38.97 18.45 33.69
C GLU E 109 37.68 19.17 34.02
N LYS E 110 36.72 19.15 33.09
CA LYS E 110 35.39 19.71 33.31
C LYS E 110 34.36 18.75 32.72
N GLY E 111 33.11 19.22 32.64
CA GLY E 111 32.02 18.39 32.16
C GLY E 111 31.86 18.43 30.65
N LEU E 112 30.73 17.90 30.21
CA LEU E 112 30.39 17.79 28.79
C LEU E 112 29.42 18.91 28.39
N GLU E 113 29.28 19.09 27.08
CA GLU E 113 28.40 20.11 26.55
C GLU E 113 28.10 19.82 25.09
N TRP E 114 26.83 19.92 24.70
CA TRP E 114 26.42 19.69 23.33
C TRP E 114 26.89 20.81 22.43
N VAL E 115 27.13 20.48 21.15
CA VAL E 115 27.66 21.45 20.20
C VAL E 115 26.74 21.59 19.00
N ALA E 116 26.42 20.47 18.35
CA ALA E 116 25.62 20.52 17.13
C ALA E 116 24.96 19.17 16.91
N TYR E 117 23.99 19.15 15.99
CA TYR E 117 23.28 17.93 15.63
C TYR E 117 22.86 18.01 14.18
N ILE E 118 23.15 16.94 13.42
CA ILE E 118 22.82 16.86 12.00
C ILE E 118 22.08 15.55 11.77
N SER E 119 20.93 15.64 11.13
CA SER E 119 20.06 14.49 10.96
C SER E 119 20.47 13.67 9.74
N SER E 120 19.75 12.57 9.50
CA SER E 120 19.97 11.77 8.30
C SER E 120 19.26 12.43 7.12
N GLY E 121 19.97 12.55 5.99
CA GLY E 121 19.44 13.33 4.90
C GLY E 121 19.26 14.77 5.33
N SER E 122 20.37 15.48 5.52
CA SER E 122 20.43 16.69 6.33
C SER E 122 19.29 17.66 6.03
N GLY E 123 18.38 17.82 6.99
CA GLY E 123 17.30 18.78 6.90
C GLY E 123 17.20 19.64 8.14
N THR E 124 17.78 19.18 9.23
CA THR E 124 17.79 19.89 10.50
C THR E 124 19.23 19.99 11.00
N ILE E 125 19.70 21.20 11.21
CA ILE E 125 21.11 21.46 11.46
C ILE E 125 21.19 22.22 12.80
N TYR E 126 20.30 21.85 13.73
CA TYR E 126 20.23 22.49 15.05
C TYR E 126 21.63 22.75 15.63
N TYR E 127 21.80 23.94 16.20
CA TYR E 127 23.09 24.39 16.71
C TYR E 127 22.97 24.79 18.18
N ALA E 128 24.11 24.83 18.85
CA ALA E 128 24.19 25.38 20.19
C ALA E 128 24.15 26.90 20.15
N ASP E 129 23.63 27.51 21.21
CA ASP E 129 23.49 28.96 21.24
C ASP E 129 24.83 29.66 21.37
N THR E 130 25.78 29.06 22.09
CA THR E 130 27.06 29.72 22.32
C THR E 130 27.96 29.69 21.10
N VAL E 131 27.65 28.86 20.10
CA VAL E 131 28.48 28.76 18.90
C VAL E 131 27.61 28.93 17.66
N LYS E 132 26.41 29.50 17.84
CA LYS E 132 25.48 29.66 16.74
C LYS E 132 26.08 30.57 15.67
N GLY E 133 26.02 30.12 14.41
CA GLY E 133 26.48 30.90 13.29
C GLY E 133 27.96 30.74 12.99
N ARG E 134 28.79 30.79 14.04
CA ARG E 134 30.23 30.66 13.84
C ARG E 134 30.61 29.27 13.36
N PHE E 135 29.97 28.24 13.90
CA PHE E 135 30.30 26.87 13.53
C PHE E 135 29.38 26.37 12.43
N THR E 136 29.92 25.51 11.56
CA THR E 136 29.16 24.92 10.47
C THR E 136 29.41 23.43 10.41
N ILE E 137 28.34 22.65 10.26
CA ILE E 137 28.41 21.19 10.26
C ILE E 137 27.78 20.67 8.98
N SER E 138 28.41 19.64 8.40
CA SER E 138 27.93 19.05 7.16
C SER E 138 28.32 17.58 7.12
N ARG E 139 27.68 16.83 6.23
CA ARG E 139 27.93 15.40 6.09
C ARG E 139 28.02 15.04 4.61
N ASP E 140 28.70 13.93 4.34
CA ASP E 140 28.81 13.38 2.99
C ASP E 140 28.52 11.90 3.05
N ASP E 141 27.30 11.51 2.68
CA ASP E 141 26.84 10.14 2.84
C ASP E 141 27.65 9.11 2.05
N PRO E 142 27.90 9.30 0.75
CA PRO E 142 28.63 8.26 0.01
C PRO E 142 30.02 7.99 0.55
N LYS E 143 30.73 9.02 1.01
CA LYS E 143 32.07 8.80 1.55
C LYS E 143 32.05 8.50 3.05
N ASN E 144 30.90 8.66 3.71
CA ASN E 144 30.73 8.34 5.13
C ASN E 144 31.72 9.13 5.99
N THR E 145 31.58 10.46 5.95
CA THR E 145 32.46 11.32 6.71
C THR E 145 31.69 12.55 7.15
N LEU E 146 31.92 12.99 8.39
CA LEU E 146 31.29 14.16 8.96
C LEU E 146 32.31 15.30 9.07
N PHE E 147 31.88 16.51 8.71
CA PHE E 147 32.73 17.67 8.69
C PHE E 147 32.23 18.73 9.67
N LEU E 148 33.16 19.45 10.28
CA LEU E 148 32.85 20.56 11.17
C LEU E 148 33.70 21.76 10.79
N GLN E 149 33.07 22.92 10.61
CA GLN E 149 33.74 24.16 10.26
C GLN E 149 33.76 25.09 11.46
N MET E 150 34.96 25.43 11.94
CA MET E 150 35.12 26.38 13.02
C MET E 150 35.83 27.62 12.52
N THR E 151 35.42 28.78 13.03
CA THR E 151 36.07 30.05 12.74
C THR E 151 36.36 30.77 14.05
N SER E 152 37.41 31.60 14.03
CA SER E 152 37.89 32.32 15.21
C SER E 152 38.31 31.35 16.30
N LEU E 153 38.55 31.85 17.51
CA LEU E 153 38.96 31.00 18.62
C LEU E 153 38.78 31.78 19.91
N ARG E 154 38.14 31.16 20.90
CA ARG E 154 37.97 31.73 22.23
C ARG E 154 38.37 30.68 23.27
N SER E 155 38.26 31.05 24.54
CA SER E 155 38.52 30.09 25.61
C SER E 155 37.52 28.96 25.60
N GLU E 156 36.23 29.28 25.43
CA GLU E 156 35.20 28.25 25.38
C GLU E 156 35.23 27.46 24.07
N ASP E 157 35.84 28.02 23.02
CA ASP E 157 35.87 27.33 21.74
C ASP E 157 36.68 26.04 21.82
N THR E 158 37.80 26.08 22.55
CA THR E 158 38.72 24.96 22.57
C THR E 158 38.40 23.98 23.69
N ALA E 159 38.28 22.72 23.33
CA ALA E 159 38.14 21.60 24.26
C ALA E 159 38.30 20.32 23.44
N MET E 160 38.05 19.18 24.07
CA MET E 160 38.11 17.90 23.38
C MET E 160 36.76 17.62 22.73
N TYR E 161 36.79 17.25 21.45
CA TYR E 161 35.58 17.06 20.66
C TYR E 161 35.32 15.58 20.41
N TYR E 162 34.06 15.18 20.59
CA TYR E 162 33.65 13.78 20.44
C TYR E 162 32.64 13.67 19.31
N CYS E 163 32.61 12.49 18.68
CA CYS E 163 31.72 12.19 17.57
C CYS E 163 30.77 11.09 18.01
N VAL E 164 29.47 11.40 18.05
CA VAL E 164 28.46 10.50 18.59
C VAL E 164 27.42 10.22 17.51
N ARG E 165 26.96 8.97 17.47
CA ARG E 165 25.89 8.55 16.57
C ARG E 165 24.59 8.40 17.33
N SER E 166 23.48 8.46 16.58
CA SER E 166 22.16 8.32 17.17
C SER E 166 21.11 8.08 16.09
N ILE E 167 20.17 7.16 16.35
CA ILE E 167 19.07 6.86 15.44
C ILE E 167 17.77 6.97 16.23
N TYR E 168 16.75 7.55 15.59
CA TYR E 168 15.48 7.84 16.26
C TYR E 168 14.34 7.12 15.56
N TYR E 169 13.80 6.09 16.21
CA TYR E 169 12.51 5.52 15.85
C TYR E 169 11.79 5.16 17.15
N TYR E 170 10.73 4.36 17.05
CA TYR E 170 9.89 4.10 18.22
C TYR E 170 10.67 3.43 19.34
N GLY E 171 11.46 2.41 19.02
CA GLY E 171 12.15 1.67 20.05
C GLY E 171 13.67 1.80 19.98
N SER E 172 14.16 2.92 19.48
CA SER E 172 15.58 3.11 19.31
C SER E 172 16.23 3.55 20.62
N SER E 173 17.56 3.56 20.61
CA SER E 173 18.36 3.96 21.77
C SER E 173 19.41 4.96 21.30
N PRO E 174 19.10 6.26 21.32
CA PRO E 174 20.05 7.25 20.81
C PRO E 174 21.34 7.28 21.65
N PHE E 175 22.38 7.83 21.04
CA PHE E 175 23.70 7.95 21.66
C PHE E 175 24.28 6.58 21.99
N ASP E 176 24.47 5.78 20.95
CA ASP E 176 24.98 4.42 21.11
C ASP E 176 26.50 4.41 21.24
N PHE E 177 27.20 4.87 20.21
CA PHE E 177 28.64 4.75 20.12
C PHE E 177 29.30 6.13 20.12
N TRP E 178 30.50 6.20 20.69
CA TRP E 178 31.23 7.44 20.83
C TRP E 178 32.62 7.29 20.22
N GLY E 179 33.17 8.42 19.76
CA GLY E 179 34.46 8.43 19.09
C GLY E 179 35.63 8.32 20.05
N GLN E 180 36.73 9.01 19.71
CA GLN E 180 37.95 8.94 20.48
C GLN E 180 38.30 10.28 21.15
N GLY E 181 38.40 11.35 20.38
CA GLY E 181 38.69 12.66 20.92
C GLY E 181 39.76 13.38 20.11
N THR E 182 39.80 14.70 20.27
CA THR E 182 40.79 15.55 19.61
C THR E 182 41.29 16.59 20.61
N THR E 183 42.29 17.37 20.18
CA THR E 183 42.91 18.35 21.06
C THR E 183 43.03 19.69 20.33
N LEU E 184 42.94 20.77 21.11
CA LEU E 184 43.04 22.13 20.58
C LEU E 184 43.88 22.94 21.58
N THR E 185 43.82 24.27 21.46
CA THR E 185 44.87 25.13 22.01
C THR E 185 44.75 25.38 23.51
N VAL E 186 43.63 25.98 23.96
CA VAL E 186 43.58 26.62 25.27
C VAL E 186 42.60 25.95 26.22
N SER E 187 42.47 26.49 27.43
CA SER E 187 41.55 25.98 28.42
C SER E 187 40.20 26.67 28.35
N SER E 203 14.21 29.05 28.73
CA SER E 203 15.64 28.88 28.78
C SER E 203 15.99 27.40 28.78
N ASP E 204 17.28 27.10 28.85
CA ASP E 204 17.71 25.71 28.80
C ASP E 204 17.50 25.02 30.11
N ILE E 205 17.00 23.79 30.05
CA ILE E 205 16.75 23.04 31.26
C ILE E 205 18.08 22.81 31.92
N VAL E 206 18.36 23.46 33.03
CA VAL E 206 19.67 23.34 33.64
C VAL E 206 19.79 22.19 34.62
N MET E 207 19.84 20.97 34.12
CA MET E 207 19.98 19.81 34.97
C MET E 207 21.23 19.94 35.80
N THR E 208 21.10 19.80 37.11
CA THR E 208 22.25 19.94 37.97
C THR E 208 22.16 19.17 39.25
N GLN E 209 23.27 18.59 39.67
CA GLN E 209 23.27 17.95 40.97
C GLN E 209 24.61 18.07 41.66
N ALA E 210 25.65 17.59 41.01
CA ALA E 210 27.01 17.67 41.57
C ALA E 210 27.17 17.20 42.99
N THR E 211 27.24 15.90 43.19
CA THR E 211 27.52 15.39 44.52
C THR E 211 29.03 15.18 44.53
N SER E 212 29.75 15.86 43.63
CA SER E 212 31.20 15.79 43.56
C SER E 212 31.80 14.41 43.57
N SER E 213 32.21 13.92 44.72
CA SER E 213 32.89 12.64 44.77
C SER E 213 32.25 11.68 45.75
N VAL E 214 32.17 10.43 45.37
CA VAL E 214 31.65 9.42 46.29
C VAL E 214 32.72 8.35 46.43
N PRO E 215 33.29 8.22 47.64
CA PRO E 215 34.28 7.15 47.88
C PRO E 215 33.64 5.77 47.97
N VAL E 216 34.18 4.77 47.28
CA VAL E 216 33.52 3.46 47.28
C VAL E 216 34.33 2.24 47.65
N THR E 217 33.63 1.19 48.07
CA THR E 217 34.28 -0.05 48.42
C THR E 217 33.59 -1.13 47.60
N PRO E 218 34.38 -1.93 46.89
CA PRO E 218 33.77 -2.95 46.01
C PRO E 218 32.85 -3.91 46.74
N GLY E 219 31.54 -3.83 46.47
CA GLY E 219 30.63 -4.78 47.08
C GLY E 219 29.22 -4.30 47.39
N GLU E 220 29.08 -3.18 48.09
CA GLU E 220 27.76 -2.72 48.48
C GLU E 220 27.09 -1.94 47.35
N SER E 221 25.93 -1.38 47.65
CA SER E 221 25.13 -0.64 46.67
C SER E 221 25.27 0.86 46.91
N VAL E 222 25.48 1.61 45.83
CA VAL E 222 25.66 3.05 45.89
C VAL E 222 24.68 3.70 44.92
N SER E 223 24.00 4.75 45.38
CA SER E 223 23.00 5.46 44.59
C SER E 223 23.50 6.86 44.27
N ILE E 224 23.17 7.33 43.07
CA ILE E 224 23.54 8.67 42.60
C ILE E 224 22.26 9.43 42.30
N SER E 225 22.15 10.64 42.85
CA SER E 225 20.94 11.44 42.72
C SER E 225 21.13 12.55 41.70
N CYS E 226 20.04 12.91 41.03
CA CYS E 226 20.04 13.97 40.02
C CYS E 226 18.76 14.77 40.14
N ARG E 227 18.85 16.06 39.84
CA ARG E 227 17.70 16.96 39.88
C ARG E 227 17.68 17.80 38.61
N SER E 228 16.47 18.04 38.10
CA SER E 228 16.27 18.78 36.86
C SER E 228 15.58 20.12 37.16
N SER E 229 15.73 21.05 36.21
CA SER E 229 15.12 22.37 36.31
C SER E 229 13.68 22.40 35.81
N LYS E 230 13.20 21.32 35.20
CA LYS E 230 11.85 21.28 34.67
C LYS E 230 11.39 19.82 34.64
N SER E 231 10.07 19.65 34.61
CA SER E 231 9.49 18.31 34.55
C SER E 231 9.75 17.70 33.19
N LEU E 232 10.56 16.63 33.15
CA LEU E 232 10.92 15.99 31.90
C LEU E 232 9.88 14.99 31.42
N LEU E 233 8.87 14.68 32.23
CA LEU E 233 7.84 13.72 31.86
C LEU E 233 6.94 14.33 30.79
N HIS E 234 7.19 13.97 29.54
CA HIS E 234 6.39 14.47 28.43
C HIS E 234 4.99 13.85 28.46
N SER E 235 4.10 14.38 27.64
CA SER E 235 2.74 13.87 27.55
C SER E 235 2.68 12.47 26.99
N ASN E 236 3.74 12.01 26.30
CA ASN E 236 3.76 10.66 25.75
C ASN E 236 3.82 9.59 26.84
N GLY E 237 4.21 9.96 28.05
CA GLY E 237 4.32 9.00 29.14
C GLY E 237 5.72 8.53 29.45
N ASN E 238 6.74 9.09 28.82
CA ASN E 238 8.12 8.71 29.04
C ASN E 238 8.99 9.94 29.25
N THR E 239 10.00 9.81 30.10
CA THR E 239 10.91 10.90 30.39
C THR E 239 12.19 10.75 29.57
N TYR E 240 12.65 11.86 29.00
CA TYR E 240 13.79 11.85 28.08
C TYR E 240 15.05 12.27 28.84
N LEU E 241 15.58 11.33 29.62
CA LEU E 241 16.86 11.52 30.30
C LEU E 241 17.74 10.30 30.06
N TYR E 242 19.04 10.56 29.86
CA TYR E 242 20.01 9.51 29.59
C TYR E 242 21.12 9.57 30.63
N TRP E 243 21.66 8.41 30.97
CA TRP E 243 22.77 8.29 31.92
C TRP E 243 24.01 7.84 31.17
N PHE E 244 25.14 8.48 31.48
CA PHE E 244 26.40 8.19 30.81
C PHE E 244 27.48 7.91 31.83
N LEU E 245 28.40 7.01 31.47
CA LEU E 245 29.54 6.66 32.31
C LEU E 245 30.81 6.86 31.50
N GLN E 246 31.78 7.56 32.09
CA GLN E 246 33.05 7.82 31.43
C GLN E 246 34.18 7.30 32.33
N ARG E 247 34.74 6.15 31.96
CA ARG E 247 35.88 5.62 32.68
C ARG E 247 37.10 6.51 32.43
N PRO E 248 38.04 6.56 33.38
CA PRO E 248 39.23 7.41 33.17
C PRO E 248 40.19 6.83 32.15
N GLY E 249 40.27 7.45 30.98
CA GLY E 249 41.23 7.05 29.98
C GLY E 249 40.67 6.75 28.60
N GLN E 250 39.35 6.81 28.45
CA GLN E 250 38.72 6.55 27.16
C GLN E 250 37.37 7.26 27.12
N SER E 251 36.69 7.12 25.97
CA SER E 251 35.43 7.82 25.75
C SER E 251 34.32 7.21 26.59
N PRO E 252 33.29 7.98 26.91
CA PRO E 252 32.17 7.45 27.70
C PRO E 252 31.28 6.54 26.88
N GLN E 253 30.34 5.90 27.58
CA GLN E 253 29.35 5.03 26.98
C GLN E 253 28.02 5.24 27.69
N LEU E 254 26.95 4.80 27.04
CA LEU E 254 25.60 4.96 27.56
C LEU E 254 25.23 3.77 28.43
N LEU E 255 24.57 4.05 29.55
CA LEU E 255 24.11 3.03 30.49
C LEU E 255 22.60 2.90 30.53
N ILE E 256 21.88 3.99 30.78
CA ILE E 256 20.44 3.98 30.95
C ILE E 256 19.83 5.04 30.05
N TYR E 257 18.83 4.65 29.26
CA TYR E 257 18.06 5.58 28.44
C TYR E 257 16.60 5.53 28.86
N ARG E 258 15.98 6.72 28.96
CA ARG E 258 14.61 6.87 29.46
C ARG E 258 14.48 6.40 30.90
N MET E 259 15.56 6.57 31.67
CA MET E 259 15.70 6.37 33.11
C MET E 259 15.36 4.96 33.56
N SER E 260 14.99 4.09 32.63
CA SER E 260 14.58 2.74 33.02
C SER E 260 15.24 1.65 32.19
N ASN E 261 15.44 1.88 30.90
CA ASN E 261 15.86 0.82 30.00
C ASN E 261 17.37 0.65 30.03
N LEU E 262 17.82 -0.60 30.17
CA LEU E 262 19.24 -0.91 30.15
C LEU E 262 19.79 -0.81 28.74
N ALA E 263 21.03 -0.34 28.63
CA ALA E 263 21.71 -0.33 27.34
C ALA E 263 22.10 -1.74 26.93
N SER E 264 22.49 -1.89 25.67
CA SER E 264 22.88 -3.19 25.13
C SER E 264 24.33 -3.47 25.51
N GLY E 265 24.57 -4.58 26.20
CA GLY E 265 25.89 -5.00 26.58
C GLY E 265 26.30 -4.65 28.00
N VAL E 266 25.58 -3.75 28.66
CA VAL E 266 25.91 -3.34 30.02
C VAL E 266 25.46 -4.41 30.99
N PRO E 267 26.12 -4.56 32.14
CA PRO E 267 25.66 -5.55 33.13
C PRO E 267 24.32 -5.15 33.74
N GLU E 268 23.59 -6.16 34.21
CA GLU E 268 22.27 -5.96 34.79
C GLU E 268 22.32 -5.33 36.17
N ARG E 269 23.50 -5.21 36.79
CA ARG E 269 23.59 -4.68 38.14
C ARG E 269 23.13 -3.22 38.20
N PHE E 270 23.24 -2.48 37.10
CA PHE E 270 22.78 -1.11 37.07
C PHE E 270 21.26 -1.05 37.11
N SER E 271 20.73 0.03 37.67
CA SER E 271 19.29 0.21 37.79
C SER E 271 18.98 1.68 37.96
N GLY E 272 18.15 2.23 37.07
CA GLY E 272 17.72 3.60 37.16
C GLY E 272 16.24 3.69 37.50
N SER E 273 15.87 4.79 38.16
CA SER E 273 14.49 5.00 38.57
C SER E 273 14.28 6.49 38.81
N GLY E 274 13.06 6.84 39.21
CA GLY E 274 12.69 8.20 39.51
C GLY E 274 11.46 8.63 38.74
N SER E 275 10.93 9.80 39.14
CA SER E 275 9.76 10.36 38.49
C SER E 275 9.75 11.87 38.76
N GLY E 276 8.97 12.58 37.95
CA GLY E 276 8.90 14.02 38.06
C GLY E 276 10.22 14.70 37.76
N THR E 277 10.87 15.22 38.80
CA THR E 277 12.19 15.84 38.66
C THR E 277 13.24 15.23 39.57
N ALA E 278 12.88 14.23 40.38
CA ALA E 278 13.81 13.56 41.28
C ALA E 278 14.13 12.18 40.74
N PHE E 279 15.33 12.02 40.21
CA PHE E 279 15.78 10.78 39.60
C PHE E 279 17.03 10.28 40.31
N THR E 280 17.14 8.96 40.45
CA THR E 280 18.26 8.34 41.13
C THR E 280 18.73 7.12 40.35
N LEU E 281 20.05 6.97 40.24
CA LEU E 281 20.66 5.81 39.59
C LEU E 281 21.38 5.00 40.65
N THR E 282 21.04 3.70 40.73
CA THR E 282 21.58 2.82 41.75
C THR E 282 22.35 1.68 41.10
N ILE E 283 23.46 1.28 41.74
CA ILE E 283 24.28 0.16 41.30
C ILE E 283 24.21 -0.91 42.38
N SER E 284 23.89 -2.13 41.98
CA SER E 284 23.71 -3.20 42.97
C SER E 284 25.02 -3.54 43.67
N ARG E 285 26.10 -3.71 42.91
CA ARG E 285 27.41 -4.00 43.49
C ARG E 285 28.50 -3.29 42.68
N LEU E 286 29.51 -2.79 43.39
CA LEU E 286 30.61 -2.06 42.77
C LEU E 286 31.74 -3.03 42.42
N GLU E 287 32.24 -2.93 41.20
CA GLU E 287 33.39 -3.70 40.74
C GLU E 287 34.56 -2.78 40.48
N ALA E 288 35.68 -3.36 40.04
CA ALA E 288 36.88 -2.58 39.77
C ALA E 288 36.69 -1.64 38.58
N GLU E 289 35.97 -2.09 37.56
CA GLU E 289 35.80 -1.31 36.33
C GLU E 289 34.69 -0.28 36.43
N ASP E 290 33.93 -0.25 37.52
CA ASP E 290 32.85 0.71 37.66
C ASP E 290 33.33 2.11 38.04
N VAL E 291 34.62 2.28 38.31
CA VAL E 291 35.13 3.60 38.69
C VAL E 291 35.08 4.52 37.48
N GLY E 292 34.49 5.70 37.67
CA GLY E 292 34.40 6.66 36.59
C GLY E 292 33.54 7.84 36.99
N VAL E 293 33.25 8.67 36.00
CA VAL E 293 32.43 9.87 36.18
C VAL E 293 31.10 9.65 35.47
N TYR E 294 30.01 10.03 36.14
CA TYR E 294 28.66 9.78 35.66
C TYR E 294 28.03 11.10 35.22
N TYR E 295 27.48 11.13 34.01
CA TYR E 295 26.88 12.32 33.44
C TYR E 295 25.41 12.06 33.13
N CYS E 296 24.68 13.15 32.89
CA CYS E 296 23.26 13.08 32.61
C CYS E 296 22.90 13.99 31.44
N MET E 297 21.95 13.54 30.63
CA MET E 297 21.45 14.29 29.49
C MET E 297 19.95 14.51 29.65
N GLN E 298 19.47 15.62 29.09
CA GLN E 298 18.04 15.82 28.87
C GLN E 298 17.81 16.02 27.38
N HIS E 299 16.78 15.37 26.85
CA HIS E 299 16.51 15.39 25.41
C HIS E 299 15.10 15.87 25.09
N LEU E 300 14.45 16.58 26.02
CA LEU E 300 13.12 17.07 25.77
C LEU E 300 13.13 18.15 24.68
N GLU E 301 14.13 19.02 24.69
CA GLU E 301 14.20 20.11 23.74
C GLU E 301 15.64 20.58 23.61
N TYR E 302 16.02 20.95 22.40
CA TYR E 302 17.36 21.49 22.16
C TYR E 302 17.46 22.90 22.77
N PRO E 303 18.65 23.28 23.24
CA PRO E 303 19.91 22.52 23.23
C PRO E 303 19.98 21.46 24.33
N LEU E 304 20.72 20.39 24.07
CA LEU E 304 20.92 19.33 25.04
C LEU E 304 21.86 19.83 26.13
N THR E 305 21.45 19.66 27.39
CA THR E 305 22.19 20.20 28.53
C THR E 305 22.74 19.05 29.36
N PHE E 306 24.05 19.08 29.60
CA PHE E 306 24.70 18.09 30.45
C PHE E 306 24.66 18.53 31.91
N GLY E 307 25.01 17.60 32.80
CA GLY E 307 25.13 17.89 34.21
C GLY E 307 26.55 18.23 34.60
N ALA E 308 26.73 18.47 35.90
CA ALA E 308 28.06 18.79 36.41
C ALA E 308 28.98 17.57 36.38
N GLY E 309 28.43 16.38 36.55
CA GLY E 309 29.23 15.17 36.55
C GLY E 309 29.76 14.81 37.92
N THR E 310 29.47 13.60 38.38
CA THR E 310 29.89 13.12 39.68
C THR E 310 30.93 12.01 39.51
N LYS E 311 32.09 12.19 40.14
CA LYS E 311 33.14 11.18 40.10
C LYS E 311 32.88 10.12 41.15
N LEU E 312 33.09 8.86 40.76
CA LEU E 312 32.89 7.72 41.64
C LEU E 312 34.25 7.07 41.85
N GLU E 313 35.00 7.55 42.84
CA GLU E 313 36.35 7.10 43.11
C GLU E 313 36.38 6.16 44.30
N LEU E 314 37.49 5.44 44.42
CA LEU E 314 37.68 4.47 45.51
C LEU E 314 37.80 5.18 46.85
#